data_8IS5
#
_entry.id   8IS5
#
_cell.length_a   68.592
_cell.length_b   107.630
_cell.length_c   120.910
_cell.angle_alpha   90.000
_cell.angle_beta   90.000
_cell.angle_gamma   90.000
#
_symmetry.space_group_name_H-M   'P 21 21 21'
#
loop_
_entity.id
_entity.type
_entity.pdbx_description
1 polymer 'Hydroxydechloroatrazine ethylaminohydrolase'
2 non-polymer 'ZINC ION'
3 non-polymer 'SULFATE ION'
4 water water
#
_entity_poly.entity_id   1
_entity_poly.type   'polypeptide(L)'
_entity_poly.pdbx_seq_one_letter_code
;MHKRTLLFKNAELLVTMDDERREIRGGCLLVEGNRIVAVGGDELCAAPADEEIDLRGHIVIPGLINTHHHMFQSLTRVIP
DAQDGELFDWLNNLYPIWAGLTPEMIRISTQTAMAELMLSGCTTSSDHLYVYPNGCRLDDSIDGAREIGMRFHACRGSMS
VGRSKGGLPPDELVENEQAILEDSLRLIHSYHDAQRYSMLRIALAPCSPFSVSRELMVKTAQMAREQGVSLHTHLAENDS
DVSYSQTHFGMTPAQYAEDLGWVGSDVWHAHCVKLDRAGISLFARTGTGVAHCPCSNMRLASGIAPIRAMLDEGVSVGLG
VDGSASNDAGNMIAETRQAMLLQRVGFGPDAMNARQALEIATRGGAKVLNRDDIGYLATGMAADFVAFDLNTLNLAGAKH
DPLAALVFCTPGNVAFSVINGQVVIREGVLQTIDLPSVVQQHNRLACLLVNRHRL
;
_entity_poly.pdbx_strand_id   A,B
#
# COMPACT_ATOMS: atom_id res chain seq x y z
N LYS A 3 24.55 -21.90 24.43
CA LYS A 3 24.67 -21.39 23.07
C LYS A 3 24.09 -20.08 23.60
N ARG A 4 23.91 -19.01 22.83
CA ARG A 4 23.24 -17.83 23.40
C ARG A 4 21.73 -18.05 23.65
N THR A 5 21.22 -17.60 24.82
CA THR A 5 19.79 -17.64 25.15
C THR A 5 19.17 -16.22 25.20
N LEU A 6 17.89 -16.13 24.84
CA LEU A 6 17.19 -14.85 24.69
C LEU A 6 15.75 -14.94 25.18
N LEU A 7 15.32 -13.99 26.00
CA LEU A 7 13.94 -13.91 26.47
C LEU A 7 13.27 -12.66 25.94
N PHE A 8 12.18 -12.83 25.19
CA PHE A 8 11.32 -11.74 24.75
C PHE A 8 10.03 -11.79 25.57
N LYS A 9 9.78 -10.78 26.38
CA LYS A 9 8.74 -10.88 27.39
C LYS A 9 7.70 -9.78 27.27
N ASN A 10 6.47 -10.13 27.65
CA ASN A 10 5.37 -9.20 27.89
C ASN A 10 4.93 -8.49 26.61
N ALA A 11 4.95 -9.19 25.48
CA ALA A 11 4.37 -8.63 24.26
C ALA A 11 2.89 -8.37 24.51
N GLU A 12 2.41 -7.23 24.02
CA GLU A 12 0.99 -6.92 24.16
C GLU A 12 0.13 -8.01 23.55
N LEU A 13 0.54 -8.51 22.38
CA LEU A 13 -0.07 -9.68 21.78
C LEU A 13 1.01 -10.46 21.06
N LEU A 14 1.11 -11.75 21.37
CA LEU A 14 2.04 -12.66 20.71
C LEU A 14 1.24 -13.59 19.81
N VAL A 15 1.32 -13.37 18.51
CA VAL A 15 0.58 -14.14 17.53
C VAL A 15 1.46 -15.33 17.15
N THR A 16 1.04 -16.55 17.51
CA THR A 16 1.88 -17.72 17.32
C THR A 16 1.69 -18.39 15.95
N MET A 17 0.49 -18.30 15.38
CA MET A 17 0.07 -19.15 14.26
C MET A 17 0.33 -20.65 14.52
N ASP A 18 0.33 -21.08 15.78
CA ASP A 18 0.54 -22.51 16.03
C ASP A 18 -0.74 -23.26 15.68
N ASP A 19 -0.76 -24.57 15.97
CA ASP A 19 -1.89 -25.41 15.54
C ASP A 19 -3.21 -25.04 16.21
N GLU A 20 -3.16 -24.38 17.37
CA GLU A 20 -4.35 -23.80 17.98
C GLU A 20 -4.53 -22.32 17.66
N ARG A 21 -3.67 -21.77 16.81
CA ARG A 21 -3.63 -20.33 16.51
C ARG A 21 -3.72 -19.47 17.77
N ARG A 22 -2.91 -19.81 18.78
CA ARG A 22 -2.87 -19.01 20.00
C ARG A 22 -2.42 -17.58 19.71
N GLU A 23 -3.10 -16.63 20.34
CA GLU A 23 -2.73 -15.22 20.29
C GLU A 23 -2.65 -14.79 21.75
N ILE A 24 -1.45 -14.64 22.29
CA ILE A 24 -1.25 -14.59 23.73
C ILE A 24 -1.05 -13.16 24.20
N ARG A 25 -1.93 -12.79 25.06
CA ARG A 25 -1.87 -11.52 25.72
C ARG A 25 -0.70 -11.60 26.64
N GLY A 26 0.22 -10.62 26.62
CA GLY A 26 1.38 -10.70 27.48
C GLY A 26 2.32 -11.82 27.15
N GLY A 27 2.29 -12.36 25.93
CA GLY A 27 3.08 -13.54 25.64
C GLY A 27 4.58 -13.33 25.76
N CYS A 28 5.28 -14.44 25.99
CA CYS A 28 6.73 -14.46 26.10
C CYS A 28 7.30 -15.56 25.21
N LEU A 29 8.54 -15.35 24.77
CA LEU A 29 9.27 -16.27 23.92
C LEU A 29 10.67 -16.49 24.49
N LEU A 30 11.02 -17.76 24.72
CA LEU A 30 12.34 -18.13 25.19
C LEU A 30 13.09 -18.85 24.07
N VAL A 31 14.30 -18.37 23.76
CA VAL A 31 15.08 -18.82 22.61
C VAL A 31 16.43 -19.35 23.10
N GLU A 32 16.92 -20.41 22.46
CA GLU A 32 18.31 -20.83 22.63
C GLU A 32 18.90 -21.13 21.26
N GLY A 33 20.04 -20.51 20.95
CA GLY A 33 20.62 -20.67 19.65
C GLY A 33 19.63 -20.24 18.58
N ASN A 34 19.33 -21.12 17.64
CA ASN A 34 18.48 -20.78 16.50
C ASN A 34 17.03 -21.24 16.68
N ARG A 35 16.63 -21.70 17.86
CA ARG A 35 15.30 -22.31 17.97
C ARG A 35 14.58 -21.82 19.21
N ILE A 36 13.26 -21.99 19.18
CA ILE A 36 12.40 -21.58 20.28
C ILE A 36 12.37 -22.71 21.32
N VAL A 37 12.68 -22.36 22.56
CA VAL A 37 12.63 -23.32 23.67
C VAL A 37 11.23 -23.38 24.29
N ALA A 38 10.55 -22.23 24.39
CA ALA A 38 9.23 -22.20 24.99
C ALA A 38 8.44 -20.98 24.52
N VAL A 39 7.11 -21.13 24.52
CA VAL A 39 6.14 -20.10 24.17
C VAL A 39 5.10 -20.08 25.28
N GLY A 40 4.78 -18.91 25.80
CA GLY A 40 3.85 -18.87 26.92
C GLY A 40 3.56 -17.48 27.43
N GLY A 41 3.08 -17.42 28.67
CA GLY A 41 2.77 -16.19 29.35
C GLY A 41 3.85 -15.76 30.32
N ASP A 42 3.43 -15.02 31.36
CA ASP A 42 4.39 -14.45 32.31
C ASP A 42 5.15 -15.49 33.10
N GLU A 43 4.71 -16.75 33.10
CA GLU A 43 5.46 -17.78 33.80
C GLU A 43 6.87 -17.89 33.20
N LEU A 44 7.02 -17.55 31.92
CA LEU A 44 8.31 -17.58 31.23
C LEU A 44 9.30 -16.55 31.77
N CYS A 45 8.83 -15.53 32.48
CA CYS A 45 9.73 -14.51 32.98
C CYS A 45 10.69 -15.04 34.03
N ALA A 46 10.40 -16.20 34.63
CA ALA A 46 11.35 -16.80 35.56
C ALA A 46 12.47 -17.56 34.85
N ALA A 47 12.42 -17.64 33.53
CA ALA A 47 13.49 -18.29 32.78
C ALA A 47 14.73 -17.41 32.80
N PRO A 48 15.90 -17.95 33.09
CA PRO A 48 17.13 -17.20 32.89
C PRO A 48 17.44 -17.04 31.41
N ALA A 49 18.16 -15.97 31.08
CA ALA A 49 18.62 -15.77 29.70
C ALA A 49 19.78 -14.79 29.69
N ASP A 50 20.63 -14.92 28.65
CA ASP A 50 21.73 -13.99 28.47
C ASP A 50 21.25 -12.57 28.22
N GLU A 51 20.12 -12.40 27.55
CA GLU A 51 19.53 -11.08 27.36
C GLU A 51 18.01 -11.15 27.42
N GLU A 52 17.42 -10.17 28.10
CA GLU A 52 15.98 -9.96 28.14
C GLU A 52 15.64 -8.76 27.27
N ILE A 53 14.57 -8.88 26.49
CA ILE A 53 14.06 -7.77 25.68
C ILE A 53 12.59 -7.61 26.00
N ASP A 54 12.21 -6.42 26.42
CA ASP A 54 10.85 -6.16 26.86
C ASP A 54 10.03 -5.68 25.67
N LEU A 55 8.92 -6.35 25.39
CA LEU A 55 8.12 -6.06 24.21
C LEU A 55 6.76 -5.50 24.57
N ARG A 56 6.64 -4.92 25.76
CA ARG A 56 5.42 -4.22 26.13
C ARG A 56 5.06 -3.19 25.07
N GLY A 57 3.77 -3.06 24.78
CA GLY A 57 3.32 -2.18 23.73
C GLY A 57 3.58 -2.64 22.31
N HIS A 58 4.09 -3.87 22.11
CA HIS A 58 4.39 -4.39 20.77
C HIS A 58 3.56 -5.63 20.44
N ILE A 59 3.29 -5.85 19.15
CA ILE A 59 2.77 -7.14 18.68
C ILE A 59 3.91 -7.95 18.08
N VAL A 60 3.99 -9.23 18.45
CA VAL A 60 4.94 -10.18 17.89
C VAL A 60 4.17 -11.12 16.96
N ILE A 61 4.69 -11.32 15.76
CA ILE A 61 4.13 -12.29 14.80
C ILE A 61 5.27 -13.18 14.32
N PRO A 62 4.96 -14.34 13.75
CA PRO A 62 6.00 -15.11 13.08
C PRO A 62 6.56 -14.31 11.92
N GLY A 63 7.86 -14.51 11.63
CA GLY A 63 8.45 -13.81 10.51
C GLY A 63 7.71 -14.11 9.22
N LEU A 64 7.49 -13.08 8.40
CA LEU A 64 6.85 -13.26 7.11
C LEU A 64 7.82 -13.95 6.16
N ILE A 65 7.27 -14.68 5.19
CA ILE A 65 8.06 -15.49 4.28
C ILE A 65 7.72 -15.07 2.85
N ASN A 66 8.71 -14.53 2.14
CA ASN A 66 8.55 -14.08 0.76
C ASN A 66 8.91 -15.22 -0.18
N THR A 67 8.01 -15.55 -1.12
CA THR A 67 8.23 -16.74 -1.91
C THR A 67 8.45 -16.44 -3.39
N HIS A 68 8.73 -15.19 -3.75
CA HIS A 68 9.08 -14.89 -5.14
C HIS A 68 9.68 -13.49 -5.22
N HIS A 69 10.76 -13.36 -5.99
CA HIS A 69 11.47 -12.08 -6.10
C HIS A 69 12.37 -12.13 -7.32
N HIS A 70 12.88 -10.94 -7.70
CA HIS A 70 14.01 -10.80 -8.62
C HIS A 70 14.82 -9.64 -8.05
N MET A 71 15.67 -9.96 -7.09
CA MET A 71 16.25 -8.90 -6.29
C MET A 71 17.18 -8.01 -7.11
N PHE A 72 17.73 -8.55 -8.20
CA PHE A 72 18.56 -7.74 -9.09
C PHE A 72 17.78 -6.55 -9.66
N GLN A 73 16.47 -6.67 -9.83
CA GLN A 73 15.67 -5.57 -10.36
C GLN A 73 15.55 -4.39 -9.40
N SER A 74 15.94 -4.55 -8.13
CA SER A 74 15.94 -3.38 -7.25
C SER A 74 16.93 -2.32 -7.68
N LEU A 75 17.83 -2.62 -8.63
CA LEU A 75 18.67 -1.58 -9.20
C LEU A 75 17.94 -0.78 -10.28
N THR A 76 16.84 -1.32 -10.82
CA THR A 76 16.16 -0.75 -11.99
C THR A 76 14.67 -0.60 -11.70
N ARG A 77 14.33 0.19 -10.68
CA ARG A 77 12.94 0.54 -10.42
C ARG A 77 12.54 1.76 -11.26
N VAL A 78 11.26 1.83 -11.58
CA VAL A 78 10.65 2.93 -12.34
C VAL A 78 11.53 3.42 -13.49
N ILE A 79 12.11 2.50 -14.24
CA ILE A 79 12.77 2.93 -15.48
C ILE A 79 11.73 3.65 -16.35
N PRO A 80 11.98 4.88 -16.80
CA PRO A 80 10.92 5.61 -17.53
C PRO A 80 10.29 4.83 -18.67
N ASP A 81 11.10 4.11 -19.45
CA ASP A 81 10.62 3.33 -20.58
C ASP A 81 9.75 2.15 -20.18
N ALA A 82 9.77 1.76 -18.91
CA ALA A 82 9.13 0.54 -18.46
C ALA A 82 7.99 0.77 -17.49
N GLN A 83 7.75 2.02 -17.09
CA GLN A 83 6.72 2.29 -16.10
C GLN A 83 5.34 1.98 -16.64
N ASP A 84 5.11 2.28 -17.91
CA ASP A 84 3.82 2.19 -18.58
C ASP A 84 3.95 1.23 -19.75
N GLY A 85 2.89 1.09 -20.54
CA GLY A 85 3.02 0.26 -21.73
C GLY A 85 2.73 -1.20 -21.48
N GLU A 86 2.86 -1.98 -22.54
CA GLU A 86 2.52 -3.40 -22.52
C GLU A 86 3.74 -4.20 -22.07
N LEU A 87 3.52 -5.47 -21.73
CA LEU A 87 4.58 -6.30 -21.16
C LEU A 87 5.71 -6.54 -22.16
N PHE A 88 5.41 -6.61 -23.45
CA PHE A 88 6.46 -6.69 -24.46
C PHE A 88 7.44 -5.54 -24.30
N ASP A 89 6.92 -4.32 -24.14
CA ASP A 89 7.81 -3.17 -23.99
C ASP A 89 8.53 -3.20 -22.65
N TRP A 90 7.88 -3.73 -21.61
CA TRP A 90 8.54 -3.84 -20.31
C TRP A 90 9.81 -4.68 -20.41
N LEU A 91 9.66 -5.90 -20.91
CA LEU A 91 10.79 -6.81 -21.09
C LEU A 91 11.83 -6.25 -22.06
N ASN A 92 11.38 -5.73 -23.20
CA ASN A 92 12.33 -5.29 -24.22
C ASN A 92 13.14 -4.08 -23.79
N ASN A 93 12.57 -3.24 -22.94
CA ASN A 93 13.32 -2.09 -22.45
C ASN A 93 14.20 -2.43 -21.24
N LEU A 94 13.87 -3.48 -20.48
CA LEU A 94 14.68 -3.77 -19.29
C LEU A 94 15.80 -4.76 -19.58
N TYR A 95 15.56 -5.74 -20.46
CA TYR A 95 16.61 -6.70 -20.82
C TYR A 95 17.94 -6.04 -21.18
N PRO A 96 18.01 -5.02 -22.06
CA PRO A 96 19.32 -4.43 -22.37
C PRO A 96 20.01 -3.81 -21.15
N ILE A 97 19.25 -3.28 -20.20
CA ILE A 97 19.86 -2.72 -19.00
C ILE A 97 20.43 -3.83 -18.11
N TRP A 98 19.69 -4.93 -17.95
CA TRP A 98 20.17 -6.02 -17.11
C TRP A 98 21.40 -6.70 -17.72
N ALA A 99 21.60 -6.58 -19.03
CA ALA A 99 22.80 -7.11 -19.68
C ALA A 99 24.09 -6.50 -19.12
N GLY A 100 24.01 -5.36 -18.45
CA GLY A 100 25.19 -4.76 -17.85
C GLY A 100 25.50 -5.19 -16.44
N LEU A 101 24.73 -6.12 -15.85
CA LEU A 101 24.89 -6.48 -14.45
C LEU A 101 26.24 -7.15 -14.18
N THR A 102 26.90 -6.73 -13.11
CA THR A 102 28.18 -7.25 -12.64
C THR A 102 28.02 -8.01 -11.33
N PRO A 103 28.98 -8.88 -10.98
CA PRO A 103 28.88 -9.61 -9.69
C PRO A 103 28.66 -8.71 -8.49
N GLU A 104 29.29 -7.54 -8.47
CA GLU A 104 29.13 -6.61 -7.36
C GLU A 104 27.70 -6.11 -7.26
N MET A 105 27.07 -5.85 -8.41
CA MET A 105 25.67 -5.42 -8.42
C MET A 105 24.76 -6.50 -7.87
N ILE A 106 25.05 -7.76 -8.19
CA ILE A 106 24.24 -8.84 -7.65
C ILE A 106 24.37 -8.90 -6.13
N ARG A 107 25.61 -8.79 -5.64
N ARG A 107 25.59 -8.82 -5.61
CA ARG A 107 25.89 -8.85 -4.21
CA ARG A 107 25.76 -8.90 -4.16
C ARG A 107 25.17 -7.73 -3.46
C ARG A 107 25.05 -7.73 -3.49
N ILE A 108 25.27 -6.51 -3.97
CA ILE A 108 24.71 -5.34 -3.29
C ILE A 108 23.19 -5.32 -3.39
N SER A 109 22.63 -5.61 -4.57
CA SER A 109 21.19 -5.51 -4.72
C SER A 109 20.46 -6.60 -3.93
N THR A 110 21.10 -7.76 -3.74
CA THR A 110 20.52 -8.73 -2.82
C THR A 110 20.35 -8.14 -1.44
N GLN A 111 21.38 -7.44 -0.95
CA GLN A 111 21.30 -6.85 0.38
C GLN A 111 20.23 -5.75 0.43
N THR A 112 20.18 -4.89 -0.59
CA THR A 112 19.18 -3.84 -0.59
C THR A 112 17.79 -4.44 -0.55
N ALA A 113 17.49 -5.36 -1.47
CA ALA A 113 16.16 -5.96 -1.51
C ALA A 113 15.84 -6.69 -0.21
N MET A 114 16.81 -7.41 0.35
CA MET A 114 16.55 -8.13 1.59
C MET A 114 16.34 -7.16 2.75
N ALA A 115 17.08 -6.05 2.77
CA ALA A 115 16.90 -5.06 3.83
C ALA A 115 15.48 -4.51 3.81
N GLU A 116 14.95 -4.18 2.62
CA GLU A 116 13.60 -3.66 2.57
C GLU A 116 12.60 -4.69 3.08
N LEU A 117 12.78 -5.95 2.67
CA LEU A 117 11.91 -7.03 3.15
C LEU A 117 12.02 -7.20 4.67
N MET A 118 13.25 -7.18 5.19
CA MET A 118 13.42 -7.43 6.62
C MET A 118 12.79 -6.33 7.45
N LEU A 119 12.98 -5.08 7.03
CA LEU A 119 12.43 -3.96 7.79
C LEU A 119 10.92 -3.90 7.69
N SER A 120 10.32 -4.59 6.71
CA SER A 120 8.88 -4.68 6.61
C SER A 120 8.33 -6.03 7.05
N GLY A 121 9.09 -6.79 7.85
CA GLY A 121 8.55 -7.92 8.60
C GLY A 121 8.98 -9.30 8.13
N CYS A 122 9.80 -9.39 7.10
CA CYS A 122 10.12 -10.64 6.43
C CYS A 122 11.42 -11.21 6.99
N THR A 123 11.43 -12.50 7.31
CA THR A 123 12.61 -13.17 7.83
C THR A 123 13.15 -14.27 6.93
N THR A 124 12.35 -14.80 6.00
CA THR A 124 12.78 -15.77 4.98
C THR A 124 12.34 -15.28 3.62
N SER A 125 13.22 -15.35 2.63
CA SER A 125 12.82 -15.04 1.26
C SER A 125 13.46 -16.01 0.28
N SER A 126 12.74 -16.31 -0.80
CA SER A 126 13.43 -16.84 -1.96
C SER A 126 13.81 -15.68 -2.88
N ASP A 127 14.60 -16.00 -3.89
CA ASP A 127 14.90 -15.12 -5.00
C ASP A 127 14.82 -15.94 -6.27
N HIS A 128 14.74 -15.27 -7.42
CA HIS A 128 14.68 -15.93 -8.71
C HIS A 128 15.61 -15.18 -9.67
N LEU A 129 16.91 -15.29 -9.44
CA LEU A 129 17.90 -14.72 -10.35
C LEU A 129 17.98 -15.57 -11.62
N TYR A 130 17.60 -15.00 -12.77
CA TYR A 130 17.59 -15.79 -14.00
C TYR A 130 18.44 -15.18 -15.11
N VAL A 131 19.24 -14.15 -14.82
CA VAL A 131 20.20 -13.59 -15.77
C VAL A 131 21.59 -13.70 -15.17
N TYR A 132 22.57 -14.08 -16.00
CA TYR A 132 23.93 -14.31 -15.51
C TYR A 132 24.96 -13.72 -16.48
N PRO A 133 24.87 -12.41 -16.76
CA PRO A 133 25.85 -11.78 -17.65
C PRO A 133 27.15 -11.45 -16.91
N ASN A 134 28.19 -11.19 -17.70
CA ASN A 134 29.42 -10.57 -17.21
C ASN A 134 30.00 -11.29 -16.01
N GLY A 135 29.90 -12.62 -16.00
CA GLY A 135 30.45 -13.42 -14.92
C GLY A 135 29.65 -13.43 -13.63
N CYS A 136 28.44 -12.86 -13.62
CA CYS A 136 27.56 -12.97 -12.45
C CYS A 136 27.27 -14.43 -12.14
N ARG A 137 27.15 -14.74 -10.84
CA ARG A 137 26.84 -16.09 -10.37
C ARG A 137 25.87 -16.03 -9.21
N LEU A 138 25.08 -17.08 -9.04
CA LEU A 138 24.22 -17.17 -7.87
C LEU A 138 25.03 -17.04 -6.59
N ASP A 139 26.31 -17.44 -6.64
CA ASP A 139 27.23 -17.27 -5.52
C ASP A 139 27.23 -15.82 -5.03
N ASP A 140 27.19 -14.85 -5.95
CA ASP A 140 27.24 -13.45 -5.57
C ASP A 140 26.04 -13.04 -4.72
N SER A 141 24.86 -13.53 -5.05
CA SER A 141 23.71 -13.21 -4.21
C SER A 141 23.79 -13.95 -2.88
N ILE A 142 24.30 -15.19 -2.89
CA ILE A 142 24.47 -15.93 -1.64
C ILE A 142 25.41 -15.17 -0.69
N ASP A 143 26.48 -14.58 -1.23
CA ASP A 143 27.41 -13.77 -0.44
C ASP A 143 26.70 -12.60 0.23
N GLY A 144 25.89 -11.87 -0.53
CA GLY A 144 25.18 -10.74 0.04
C GLY A 144 24.17 -11.18 1.10
N ALA A 145 23.45 -12.28 0.83
CA ALA A 145 22.49 -12.77 1.80
C ALA A 145 23.16 -13.22 3.10
N ARG A 146 24.36 -13.79 2.99
CA ARG A 146 25.05 -14.20 4.21
C ARG A 146 25.46 -12.99 5.04
N GLU A 147 25.80 -11.88 4.38
CA GLU A 147 26.17 -10.66 5.11
C GLU A 147 24.98 -10.11 5.90
N ILE A 148 23.78 -10.17 5.35
CA ILE A 148 22.65 -9.51 5.98
C ILE A 148 21.92 -10.41 6.97
N GLY A 149 22.05 -11.72 6.83
CA GLY A 149 21.53 -12.64 7.84
C GLY A 149 20.11 -13.11 7.61
N MET A 150 19.60 -13.02 6.39
CA MET A 150 18.25 -13.45 6.09
C MET A 150 18.27 -14.93 5.72
N ARG A 151 17.21 -15.64 6.07
CA ARG A 151 17.06 -17.03 5.68
C ARG A 151 16.67 -17.08 4.20
N PHE A 152 17.39 -17.88 3.40
CA PHE A 152 17.49 -17.67 1.96
C PHE A 152 17.22 -18.95 1.18
N HIS A 153 16.26 -18.90 0.25
CA HIS A 153 16.06 -19.95 -0.74
C HIS A 153 16.47 -19.40 -2.10
N ALA A 154 17.71 -19.68 -2.48
CA ALA A 154 18.27 -19.13 -3.72
C ALA A 154 17.92 -20.06 -4.88
N CYS A 155 17.25 -19.53 -5.90
CA CYS A 155 16.91 -20.29 -7.09
C CYS A 155 17.93 -20.06 -8.17
N ARG A 156 18.41 -21.16 -8.78
CA ARG A 156 19.20 -21.07 -10.00
C ARG A 156 18.21 -20.87 -11.15
N GLY A 157 17.85 -19.62 -11.40
CA GLY A 157 17.02 -19.32 -12.54
C GLY A 157 17.78 -19.53 -13.84
N SER A 158 17.04 -19.65 -14.95
CA SER A 158 17.71 -19.85 -16.22
C SER A 158 16.82 -19.45 -17.38
N MET A 159 17.46 -19.03 -18.47
CA MET A 159 16.83 -18.82 -19.76
C MET A 159 17.76 -19.37 -20.82
N SER A 160 17.19 -20.05 -21.82
CA SER A 160 17.97 -20.54 -22.95
C SER A 160 17.41 -20.14 -24.31
N VAL A 161 16.14 -19.72 -24.40
CA VAL A 161 15.47 -19.51 -25.67
C VAL A 161 15.50 -18.01 -25.97
N GLY A 162 16.47 -17.60 -26.79
CA GLY A 162 16.63 -16.23 -27.20
C GLY A 162 15.80 -15.86 -28.42
N ARG A 163 16.12 -14.71 -29.00
CA ARG A 163 15.34 -14.20 -30.11
C ARG A 163 15.43 -15.12 -31.32
N SER A 164 16.59 -15.76 -31.52
CA SER A 164 16.77 -16.72 -32.60
C SER A 164 15.74 -17.85 -32.56
N LYS A 165 15.28 -18.23 -31.37
CA LYS A 165 14.39 -19.38 -31.23
C LYS A 165 12.95 -18.96 -30.89
N GLY A 166 12.59 -17.73 -31.28
CA GLY A 166 11.24 -17.23 -31.07
C GLY A 166 10.98 -16.55 -29.74
N GLY A 167 12.01 -16.31 -28.92
CA GLY A 167 11.83 -15.67 -27.64
C GLY A 167 12.23 -14.19 -27.68
N LEU A 168 12.09 -13.55 -26.51
CA LEU A 168 12.28 -12.12 -26.32
C LEU A 168 13.68 -11.70 -25.87
N PRO A 169 14.33 -12.36 -24.94
CA PRO A 169 15.57 -11.85 -24.39
C PRO A 169 16.67 -11.77 -25.49
N PRO A 170 17.61 -10.87 -25.37
CA PRO A 170 18.72 -10.78 -26.34
C PRO A 170 19.64 -11.98 -26.28
N ASP A 171 20.43 -12.14 -27.36
CA ASP A 171 21.22 -13.35 -27.57
C ASP A 171 22.13 -13.73 -26.44
N GLU A 172 22.61 -12.80 -25.62
CA GLU A 172 22.27 -13.33 -24.32
C GLU A 172 22.11 -12.38 -23.18
N LEU A 173 20.92 -12.52 -22.64
CA LEU A 173 20.69 -13.04 -21.31
C LEU A 173 20.38 -14.58 -21.27
N VAL A 174 20.55 -15.37 -22.37
CA VAL A 174 20.12 -16.80 -22.37
C VAL A 174 21.27 -17.80 -22.36
N GLU A 175 21.12 -18.92 -21.65
CA GLU A 175 22.31 -19.75 -21.51
C GLU A 175 22.24 -21.05 -22.29
N ASN A 176 23.41 -21.66 -22.48
CA ASN A 176 23.50 -23.00 -23.05
C ASN A 176 22.98 -24.00 -22.02
N GLU A 177 22.16 -24.93 -22.49
CA GLU A 177 21.35 -25.75 -21.58
C GLU A 177 22.17 -26.76 -20.79
N GLN A 178 23.30 -27.21 -21.34
CA GLN A 178 24.18 -28.10 -20.58
C GLN A 178 24.94 -27.32 -19.51
N ALA A 179 25.36 -26.08 -19.83
CA ALA A 179 25.98 -25.22 -18.82
C ALA A 179 25.05 -24.97 -17.64
N ILE A 180 23.75 -24.78 -17.91
CA ILE A 180 22.79 -24.50 -16.85
C ILE A 180 22.72 -25.65 -15.86
N LEU A 181 22.67 -26.88 -16.37
CA LEU A 181 22.58 -28.03 -15.47
C LEU A 181 23.85 -28.27 -14.70
N GLU A 182 25.01 -28.10 -15.34
CA GLU A 182 26.27 -28.28 -14.62
C GLU A 182 26.41 -27.24 -13.51
N ASP A 183 26.02 -25.99 -13.79
CA ASP A 183 26.04 -24.97 -12.75
C ASP A 183 25.00 -25.27 -11.67
N SER A 184 23.85 -25.80 -12.07
CA SER A 184 22.82 -26.16 -11.10
C SER A 184 23.32 -27.23 -10.13
N LEU A 185 23.96 -28.28 -10.67
CA LEU A 185 24.47 -29.33 -9.80
C LEU A 185 25.58 -28.80 -8.89
N ARG A 186 26.47 -27.95 -9.42
CA ARG A 186 27.52 -27.38 -8.58
C ARG A 186 26.92 -26.58 -7.43
N LEU A 187 25.92 -25.75 -7.73
CA LEU A 187 25.32 -24.92 -6.69
C LEU A 187 24.65 -25.77 -5.62
N ILE A 188 23.93 -26.81 -6.02
CA ILE A 188 23.32 -27.71 -5.04
C ILE A 188 24.41 -28.31 -4.15
N HIS A 189 25.45 -28.89 -4.77
CA HIS A 189 26.53 -29.54 -4.01
C HIS A 189 27.25 -28.56 -3.09
N SER A 190 27.41 -27.30 -3.53
CA SER A 190 28.23 -26.36 -2.74
C SER A 190 27.46 -25.69 -1.62
N TYR A 191 26.12 -25.55 -1.74
CA TYR A 191 25.40 -24.63 -0.88
C TYR A 191 24.15 -25.21 -0.22
N HIS A 192 23.52 -26.20 -0.82
CA HIS A 192 22.22 -26.65 -0.32
C HIS A 192 22.41 -27.36 1.02
N ASP A 193 21.84 -26.79 2.07
CA ASP A 193 21.90 -27.34 3.41
C ASP A 193 20.51 -27.88 3.74
N ALA A 194 20.39 -29.20 3.78
CA ALA A 194 19.10 -29.86 3.92
C ALA A 194 18.68 -30.05 5.37
N GLN A 195 19.46 -29.59 6.35
CA GLN A 195 19.12 -29.92 7.73
C GLN A 195 18.16 -28.86 8.30
N ARG A 196 17.52 -29.25 9.40
CA ARG A 196 16.58 -28.38 10.10
C ARG A 196 17.28 -27.07 10.49
N TYR A 197 16.53 -25.97 10.41
CA TYR A 197 17.02 -24.61 10.68
C TYR A 197 18.02 -24.12 9.62
N SER A 198 18.06 -24.75 8.46
CA SER A 198 18.95 -24.31 7.40
C SER A 198 18.72 -22.84 7.05
N MET A 199 19.82 -22.13 6.85
CA MET A 199 19.83 -20.73 6.42
C MET A 199 20.00 -20.60 4.91
N LEU A 200 20.25 -21.69 4.20
CA LEU A 200 20.43 -21.61 2.76
C LEU A 200 19.97 -22.92 2.12
N ARG A 201 19.02 -22.80 1.20
CA ARG A 201 18.61 -23.91 0.36
C ARG A 201 18.58 -23.47 -1.09
N ILE A 202 18.78 -24.43 -1.99
CA ILE A 202 18.85 -24.17 -3.42
C ILE A 202 17.60 -24.76 -4.05
N ALA A 203 17.03 -24.05 -5.03
CA ALA A 203 16.00 -24.56 -5.90
C ALA A 203 16.38 -24.27 -7.35
N LEU A 204 15.78 -25.02 -8.28
CA LEU A 204 16.06 -24.88 -9.71
C LEU A 204 14.84 -24.28 -10.38
N ALA A 205 15.04 -23.24 -11.22
CA ALA A 205 13.94 -22.35 -11.61
C ALA A 205 14.14 -21.78 -13.01
N PRO A 206 13.94 -22.59 -14.04
CA PRO A 206 13.76 -22.02 -15.39
C PRO A 206 12.72 -20.90 -15.34
N CYS A 207 12.98 -19.82 -16.09
CA CYS A 207 12.18 -18.61 -15.90
C CYS A 207 10.69 -18.90 -16.11
N SER A 208 10.39 -19.71 -17.12
CA SER A 208 9.05 -20.15 -17.44
C SER A 208 9.20 -21.42 -18.28
N PRO A 209 8.14 -22.21 -18.43
CA PRO A 209 8.23 -23.39 -19.31
C PRO A 209 8.51 -23.02 -20.76
N PHE A 210 8.24 -21.78 -21.16
CA PHE A 210 8.49 -21.34 -22.53
C PHE A 210 9.87 -20.73 -22.73
N SER A 211 10.70 -20.63 -21.69
CA SER A 211 11.97 -19.91 -21.79
C SER A 211 13.14 -20.85 -21.93
N VAL A 212 12.89 -22.15 -21.86
CA VAL A 212 13.89 -23.20 -21.96
C VAL A 212 13.23 -24.30 -22.79
N SER A 213 14.05 -25.23 -23.28
CA SER A 213 13.50 -26.32 -24.06
C SER A 213 12.67 -27.23 -23.16
N ARG A 214 11.76 -27.99 -23.77
CA ARG A 214 11.03 -28.98 -22.99
C ARG A 214 12.00 -29.96 -22.34
N GLU A 215 13.09 -30.28 -23.04
CA GLU A 215 14.12 -31.16 -22.48
C GLU A 215 14.71 -30.58 -21.20
N LEU A 216 15.01 -29.28 -21.18
CA LEU A 216 15.59 -28.68 -19.99
C LEU A 216 14.60 -28.71 -18.83
N MET A 217 13.33 -28.46 -19.11
CA MET A 217 12.33 -28.57 -18.05
C MET A 217 12.37 -29.97 -17.46
N VAL A 218 12.46 -30.98 -18.33
CA VAL A 218 12.46 -32.35 -17.86
C VAL A 218 13.75 -32.70 -17.11
N LYS A 219 14.96 -32.36 -17.64
CA LYS A 219 16.11 -32.81 -16.86
C LYS A 219 16.10 -32.09 -15.51
N THR A 220 15.79 -30.78 -15.54
CA THR A 220 15.82 -29.98 -14.32
C THR A 220 14.98 -30.63 -13.24
N ALA A 221 13.74 -31.00 -13.56
CA ALA A 221 12.89 -31.71 -12.62
C ALA A 221 13.55 -33.01 -12.16
N GLN A 222 14.17 -33.73 -13.09
CA GLN A 222 14.86 -34.97 -12.77
C GLN A 222 15.99 -34.71 -11.78
N MET A 223 16.84 -33.74 -12.07
CA MET A 223 17.92 -33.39 -11.15
C MET A 223 17.39 -32.96 -9.80
N ALA A 224 16.35 -32.12 -9.79
CA ALA A 224 15.79 -31.67 -8.51
C ALA A 224 15.30 -32.84 -7.67
N ARG A 225 14.59 -33.78 -8.30
CA ARG A 225 14.10 -34.95 -7.56
C ARG A 225 15.27 -35.80 -7.04
N GLU A 226 16.28 -36.05 -7.89
CA GLU A 226 17.45 -36.81 -7.50
C GLU A 226 18.20 -36.16 -6.34
N GLN A 227 18.28 -34.84 -6.32
CA GLN A 227 19.04 -34.14 -5.29
C GLN A 227 18.20 -33.75 -4.09
N GLY A 228 16.88 -33.91 -4.17
CA GLY A 228 16.00 -33.53 -3.07
C GLY A 228 15.76 -32.03 -2.90
N VAL A 229 15.73 -31.26 -4.00
CA VAL A 229 15.49 -29.82 -3.93
C VAL A 229 14.20 -29.50 -4.70
N SER A 230 13.74 -28.25 -4.54
CA SER A 230 12.47 -27.82 -5.10
C SER A 230 12.63 -27.21 -6.50
N LEU A 231 11.49 -26.98 -7.15
CA LEU A 231 11.40 -26.44 -8.52
C LEU A 231 10.46 -25.25 -8.50
N HIS A 232 10.82 -24.19 -9.24
CA HIS A 232 10.09 -22.93 -9.22
C HIS A 232 10.05 -22.33 -10.62
N THR A 233 8.93 -21.72 -10.99
CA THR A 233 8.85 -21.06 -12.30
C THR A 233 7.63 -20.15 -12.31
N HIS A 234 7.56 -19.31 -13.36
CA HIS A 234 6.38 -18.50 -13.62
C HIS A 234 5.34 -19.33 -14.37
N LEU A 235 4.09 -19.31 -13.89
CA LEU A 235 3.04 -20.07 -14.56
C LEU A 235 1.74 -19.28 -14.63
N ALA A 236 1.14 -19.25 -15.82
CA ALA A 236 -0.21 -18.72 -16.05
C ALA A 236 -0.35 -17.30 -15.50
N GLU A 237 0.61 -16.46 -15.84
CA GLU A 237 0.63 -15.11 -15.28
C GLU A 237 -0.39 -14.20 -15.95
N ASN A 238 -0.69 -14.40 -17.22
CA ASN A 238 -1.55 -13.47 -17.96
C ASN A 238 -2.22 -14.20 -19.12
N ASP A 239 -2.99 -13.45 -19.91
CA ASP A 239 -3.72 -14.05 -21.02
C ASP A 239 -2.78 -14.61 -22.07
N SER A 240 -1.64 -13.96 -22.27
CA SER A 240 -0.66 -14.42 -23.26
C SER A 240 -0.13 -15.82 -22.91
N ASP A 241 0.10 -16.10 -21.62
CA ASP A 241 0.60 -17.42 -21.25
C ASP A 241 -0.42 -18.52 -21.58
N VAL A 242 -1.69 -18.27 -21.27
CA VAL A 242 -2.72 -19.26 -21.54
C VAL A 242 -2.85 -19.51 -23.03
N SER A 243 -2.81 -18.44 -23.83
CA SER A 243 -2.98 -18.56 -25.27
C SER A 243 -1.78 -19.26 -25.90
N TYR A 244 -0.57 -18.85 -25.49
CA TYR A 244 0.64 -19.50 -26.00
C TYR A 244 0.60 -21.01 -25.76
N SER A 245 0.34 -21.42 -24.52
CA SER A 245 0.41 -22.85 -24.22
C SER A 245 -0.73 -23.61 -24.89
N GLN A 246 -1.92 -23.01 -24.94
CA GLN A 246 -3.04 -23.66 -25.62
C GLN A 246 -2.78 -23.75 -27.12
N THR A 247 -2.26 -22.68 -27.72
CA THR A 247 -1.97 -22.69 -29.15
C THR A 247 -0.83 -23.65 -29.46
N HIS A 248 0.27 -23.51 -28.75
CA HIS A 248 1.58 -24.01 -29.16
C HIS A 248 1.81 -25.44 -28.70
N PHE A 249 1.16 -25.82 -27.60
CA PHE A 249 1.30 -27.14 -26.99
C PHE A 249 -0.04 -27.84 -26.85
N GLY A 250 -1.15 -27.15 -27.13
CA GLY A 250 -2.49 -27.73 -27.11
C GLY A 250 -3.03 -28.07 -25.74
N MET A 251 -2.54 -27.43 -24.67
CA MET A 251 -3.00 -27.73 -23.33
C MET A 251 -2.96 -26.45 -22.49
N THR A 252 -3.63 -26.49 -21.34
CA THR A 252 -3.54 -25.40 -20.38
C THR A 252 -2.17 -25.39 -19.70
N PRO A 253 -1.77 -24.24 -19.16
CA PRO A 253 -0.46 -24.18 -18.47
C PRO A 253 -0.32 -25.21 -17.36
N ALA A 254 -1.38 -25.44 -16.57
CA ALA A 254 -1.31 -26.46 -15.53
C ALA A 254 -1.17 -27.85 -16.12
N GLN A 255 -1.89 -28.13 -17.21
CA GLN A 255 -1.74 -29.40 -17.90
C GLN A 255 -0.33 -29.59 -18.45
N TYR A 256 0.25 -28.52 -19.02
CA TYR A 256 1.61 -28.61 -19.52
C TYR A 256 2.58 -28.83 -18.36
N ALA A 257 2.34 -28.18 -17.22
CA ALA A 257 3.18 -28.40 -16.05
C ALA A 257 3.10 -29.85 -15.62
N GLU A 258 1.89 -30.41 -15.54
CA GLU A 258 1.74 -31.83 -15.20
C GLU A 258 2.44 -32.69 -16.23
N ASP A 259 2.33 -32.33 -17.51
CA ASP A 259 2.98 -33.09 -18.57
C ASP A 259 4.50 -33.15 -18.40
N LEU A 260 5.10 -32.11 -17.83
CA LEU A 260 6.55 -32.03 -17.67
C LEU A 260 7.04 -32.56 -16.32
N GLY A 261 6.14 -33.03 -15.47
CA GLY A 261 6.53 -33.43 -14.13
C GLY A 261 6.61 -32.29 -13.15
N TRP A 262 6.16 -31.10 -13.53
CA TRP A 262 6.24 -29.90 -12.69
C TRP A 262 5.00 -29.72 -11.83
N VAL A 263 4.63 -30.80 -11.14
CA VAL A 263 3.63 -30.81 -10.10
C VAL A 263 4.20 -31.60 -8.93
N GLY A 264 3.64 -31.36 -7.74
CA GLY A 264 4.18 -31.99 -6.54
C GLY A 264 4.54 -31.00 -5.45
N SER A 265 4.71 -31.50 -4.22
CA SER A 265 4.96 -30.62 -3.09
C SER A 265 6.35 -29.99 -3.12
N ASP A 266 7.23 -30.44 -4.00
CA ASP A 266 8.53 -29.82 -4.22
C ASP A 266 8.50 -28.85 -5.39
N VAL A 267 7.31 -28.42 -5.81
CA VAL A 267 7.13 -27.47 -6.90
C VAL A 267 6.28 -26.30 -6.41
N TRP A 268 6.68 -25.07 -6.74
CA TRP A 268 5.77 -23.95 -6.54
C TRP A 268 5.88 -22.99 -7.72
N HIS A 269 4.71 -22.56 -8.19
CA HIS A 269 4.57 -21.75 -9.39
C HIS A 269 4.21 -20.33 -9.00
N ALA A 270 4.93 -19.36 -9.57
CA ALA A 270 4.65 -17.95 -9.34
C ALA A 270 3.44 -17.48 -10.15
N HIS A 271 2.61 -16.65 -9.52
CA HIS A 271 1.48 -15.93 -10.11
C HIS A 271 0.23 -16.78 -10.23
N CYS A 272 0.16 -17.64 -11.25
CA CYS A 272 -1.04 -18.47 -11.49
C CYS A 272 -2.30 -17.62 -11.54
N VAL A 273 -2.18 -16.40 -12.08
CA VAL A 273 -3.33 -15.50 -12.17
C VAL A 273 -4.45 -16.14 -12.98
N LYS A 274 -4.10 -16.83 -14.07
CA LYS A 274 -5.07 -17.36 -15.01
C LYS A 274 -5.27 -18.88 -14.88
N LEU A 275 -5.08 -19.44 -13.69
CA LEU A 275 -5.30 -20.87 -13.47
C LEU A 275 -6.79 -21.18 -13.47
N ASP A 276 -7.20 -22.24 -14.19
CA ASP A 276 -8.62 -22.58 -14.26
C ASP A 276 -9.00 -23.52 -13.12
N ARG A 277 -10.29 -23.86 -13.04
CA ARG A 277 -10.76 -24.73 -11.95
C ARG A 277 -10.08 -26.09 -11.99
N ALA A 278 -9.89 -26.64 -13.19
CA ALA A 278 -9.22 -27.94 -13.32
C ALA A 278 -7.77 -27.87 -12.84
N GLY A 279 -7.05 -26.80 -13.21
CA GLY A 279 -5.68 -26.63 -12.73
C GLY A 279 -5.62 -26.45 -11.23
N ILE A 280 -6.60 -25.74 -10.66
CA ILE A 280 -6.68 -25.58 -9.22
C ILE A 280 -6.84 -26.94 -8.55
N SER A 281 -7.75 -27.77 -9.09
CA SER A 281 -7.93 -29.12 -8.57
C SER A 281 -6.66 -29.94 -8.71
N LEU A 282 -5.99 -29.82 -9.86
CA LEU A 282 -4.73 -30.54 -10.08
C LEU A 282 -3.69 -30.13 -9.04
N PHE A 283 -3.56 -28.82 -8.79
CA PHE A 283 -2.58 -28.39 -7.79
C PHE A 283 -2.96 -28.86 -6.40
N ALA A 284 -4.26 -28.83 -6.09
CA ALA A 284 -4.71 -29.26 -4.77
C ALA A 284 -4.34 -30.71 -4.51
N ARG A 285 -4.58 -31.58 -5.49
CA ARG A 285 -4.37 -32.99 -5.23
C ARG A 285 -2.90 -33.39 -5.37
N THR A 286 -2.12 -32.67 -6.18
CA THR A 286 -0.69 -32.98 -6.26
C THR A 286 0.13 -32.23 -5.22
N GLY A 287 -0.48 -31.33 -4.46
CA GLY A 287 0.26 -30.56 -3.48
C GLY A 287 1.16 -29.48 -4.04
N THR A 288 0.89 -29.03 -5.26
CA THR A 288 1.69 -28.00 -5.90
C THR A 288 1.40 -26.63 -5.30
N GLY A 289 2.46 -25.86 -5.06
CA GLY A 289 2.31 -24.56 -4.42
C GLY A 289 2.16 -23.40 -5.41
N VAL A 290 1.65 -22.27 -4.89
CA VAL A 290 1.49 -21.03 -5.65
C VAL A 290 2.12 -19.91 -4.84
N ALA A 291 2.91 -19.06 -5.50
CA ALA A 291 3.35 -17.80 -4.90
C ALA A 291 2.46 -16.68 -5.44
N HIS A 292 1.56 -16.18 -4.60
CA HIS A 292 0.64 -15.10 -4.98
C HIS A 292 1.37 -13.76 -4.87
N CYS A 293 1.35 -12.98 -5.97
CA CYS A 293 2.07 -11.70 -6.06
C CYS A 293 1.10 -10.58 -6.42
N PRO A 294 0.32 -10.08 -5.47
CA PRO A 294 -0.77 -9.17 -5.84
C PRO A 294 -0.30 -7.82 -6.40
N CYS A 295 0.72 -7.18 -5.82
CA CYS A 295 1.11 -5.87 -6.32
C CYS A 295 1.65 -5.95 -7.74
N SER A 296 2.49 -6.94 -8.02
CA SER A 296 2.95 -7.15 -9.38
C SER A 296 1.79 -7.43 -10.33
N ASN A 297 0.84 -8.27 -9.90
CA ASN A 297 -0.30 -8.62 -10.76
C ASN A 297 -1.13 -7.39 -11.11
N MET A 298 -1.16 -6.39 -10.23
CA MET A 298 -1.87 -5.15 -10.49
C MET A 298 -1.00 -4.19 -11.31
N ARG A 299 0.25 -4.00 -10.88
CA ARG A 299 1.13 -3.03 -11.52
C ARG A 299 1.40 -3.38 -12.99
N LEU A 300 1.36 -4.67 -13.34
CA LEU A 300 1.52 -5.13 -14.73
C LEU A 300 0.18 -5.45 -15.37
N ALA A 301 -0.93 -5.18 -14.70
CA ALA A 301 -2.27 -5.40 -15.23
C ALA A 301 -2.48 -6.85 -15.65
N SER A 302 -1.95 -7.78 -14.84
CA SER A 302 -2.10 -9.20 -15.15
C SER A 302 -3.52 -9.69 -14.84
N GLY A 303 -4.06 -9.27 -13.70
CA GLY A 303 -5.37 -9.74 -13.30
C GLY A 303 -5.41 -10.09 -11.83
N ILE A 304 -6.58 -10.53 -11.37
CA ILE A 304 -6.76 -10.93 -9.98
C ILE A 304 -6.69 -12.45 -9.93
N ALA A 305 -5.68 -12.99 -9.27
CA ALA A 305 -5.57 -14.44 -9.14
C ALA A 305 -6.69 -14.99 -8.27
N PRO A 306 -7.21 -16.19 -8.57
CA PRO A 306 -8.35 -16.74 -7.82
C PRO A 306 -7.90 -17.40 -6.51
N ILE A 307 -7.32 -16.59 -5.63
CA ILE A 307 -6.67 -17.13 -4.44
C ILE A 307 -7.67 -17.80 -3.51
N ARG A 308 -8.82 -17.15 -3.30
CA ARG A 308 -9.83 -17.75 -2.43
C ARG A 308 -10.27 -19.12 -2.94
N ALA A 309 -10.43 -19.26 -4.26
CA ALA A 309 -10.83 -20.55 -4.83
C ALA A 309 -9.73 -21.59 -4.62
N MET A 310 -8.46 -21.20 -4.81
CA MET A 310 -7.35 -22.12 -4.55
C MET A 310 -7.36 -22.58 -3.10
N LEU A 311 -7.49 -21.64 -2.16
CA LEU A 311 -7.48 -21.99 -0.75
C LEU A 311 -8.67 -22.91 -0.41
N ASP A 312 -9.85 -22.62 -0.95
CA ASP A 312 -11.03 -23.45 -0.66
C ASP A 312 -10.86 -24.86 -1.17
N GLU A 313 -10.07 -25.06 -2.23
CA GLU A 313 -9.78 -26.37 -2.76
C GLU A 313 -8.59 -27.05 -2.07
N GLY A 314 -7.90 -26.35 -1.18
CA GLY A 314 -6.76 -26.94 -0.49
C GLY A 314 -5.42 -26.74 -1.14
N VAL A 315 -5.29 -25.79 -2.06
CA VAL A 315 -3.99 -25.45 -2.62
C VAL A 315 -3.17 -24.68 -1.58
N SER A 316 -1.87 -24.99 -1.52
CA SER A 316 -0.94 -24.28 -0.65
C SER A 316 -0.53 -22.98 -1.32
N VAL A 317 -0.82 -21.84 -0.68
CA VAL A 317 -0.56 -20.52 -1.25
C VAL A 317 0.37 -19.75 -0.32
N GLY A 318 1.48 -19.25 -0.88
CA GLY A 318 2.33 -18.28 -0.21
C GLY A 318 2.27 -16.93 -0.90
N LEU A 319 3.06 -16.00 -0.36
CA LEU A 319 3.06 -14.63 -0.84
C LEU A 319 4.46 -14.26 -1.35
N GLY A 320 4.49 -13.40 -2.36
CA GLY A 320 5.74 -12.89 -2.89
C GLY A 320 5.58 -11.46 -3.35
N VAL A 321 6.66 -10.69 -3.22
CA VAL A 321 6.60 -9.31 -3.72
C VAL A 321 6.93 -9.26 -5.21
N ASP A 322 7.63 -10.27 -5.73
CA ASP A 322 8.11 -10.27 -7.12
C ASP A 322 9.23 -9.25 -7.28
N GLY A 323 9.86 -9.22 -8.47
CA GLY A 323 10.97 -8.33 -8.68
C GLY A 323 10.56 -6.86 -8.54
N SER A 324 11.54 -6.05 -8.15
CA SER A 324 11.31 -4.64 -7.87
C SER A 324 11.11 -3.81 -9.15
N ALA A 325 11.25 -4.38 -10.34
CA ALA A 325 10.80 -3.69 -11.55
C ALA A 325 9.35 -3.97 -11.87
N SER A 326 8.69 -4.86 -11.13
CA SER A 326 7.26 -5.08 -11.33
C SER A 326 6.56 -5.14 -9.96
N ASN A 327 6.62 -4.03 -9.24
CA ASN A 327 5.84 -3.90 -8.01
C ASN A 327 5.54 -2.43 -7.69
N ASP A 328 6.56 -1.59 -7.45
CA ASP A 328 8.02 -1.73 -7.48
C ASP A 328 8.58 -1.72 -6.04
N ALA A 329 7.71 -1.86 -5.05
CA ALA A 329 8.13 -1.91 -3.66
C ALA A 329 8.54 -3.33 -3.25
N GLY A 330 9.26 -3.40 -2.14
CA GLY A 330 9.65 -4.68 -1.57
C GLY A 330 9.21 -4.78 -0.12
N ASN A 331 7.94 -4.48 0.10
CA ASN A 331 7.38 -4.26 1.43
C ASN A 331 6.44 -5.43 1.76
N MET A 332 6.90 -6.31 2.65
CA MET A 332 6.20 -7.58 2.86
C MET A 332 4.85 -7.37 3.53
N ILE A 333 4.80 -6.56 4.59
CA ILE A 333 3.51 -6.40 5.26
C ILE A 333 2.53 -5.65 4.38
N ALA A 334 3.00 -4.70 3.56
CA ALA A 334 2.12 -4.04 2.60
C ALA A 334 1.60 -5.06 1.59
N GLU A 335 2.45 -6.01 1.18
CA GLU A 335 2.00 -7.04 0.23
C GLU A 335 0.92 -7.93 0.85
N THR A 336 1.00 -8.17 2.17
CA THR A 336 -0.03 -8.92 2.88
C THR A 336 -1.34 -8.14 2.89
N ARG A 337 -1.27 -6.84 3.19
CA ARG A 337 -2.44 -5.98 3.06
C ARG A 337 -3.03 -6.04 1.65
N GLN A 338 -2.17 -5.97 0.63
CA GLN A 338 -2.68 -5.96 -0.74
C GLN A 338 -3.40 -7.26 -1.08
N ALA A 339 -2.89 -8.39 -0.60
CA ALA A 339 -3.54 -9.67 -0.87
C ALA A 339 -4.97 -9.67 -0.35
N MET A 340 -5.18 -9.08 0.84
CA MET A 340 -6.54 -8.96 1.37
C MET A 340 -7.38 -8.00 0.55
N LEU A 341 -6.84 -6.81 0.28
CA LEU A 341 -7.62 -5.80 -0.44
C LEU A 341 -8.05 -6.30 -1.81
N LEU A 342 -7.13 -6.94 -2.54
CA LEU A 342 -7.40 -7.34 -3.91
C LEU A 342 -8.38 -8.51 -3.98
N GLN A 343 -8.30 -9.46 -3.04
CA GLN A 343 -9.25 -10.58 -3.02
C GLN A 343 -10.65 -10.09 -2.73
N ARG A 344 -10.77 -9.10 -1.85
CA ARG A 344 -12.09 -8.58 -1.50
C ARG A 344 -12.72 -7.85 -2.68
N VAL A 345 -11.94 -7.03 -3.38
CA VAL A 345 -12.52 -6.29 -4.51
C VAL A 345 -12.84 -7.26 -5.65
N GLY A 346 -12.11 -8.38 -5.74
CA GLY A 346 -12.39 -9.33 -6.80
C GLY A 346 -13.54 -10.26 -6.49
N PHE A 347 -13.69 -10.69 -5.22
CA PHE A 347 -14.60 -11.78 -4.92
C PHE A 347 -15.51 -11.53 -3.72
N GLY A 348 -15.51 -10.34 -3.13
CA GLY A 348 -16.49 -10.03 -2.13
C GLY A 348 -15.95 -9.95 -0.72
N PRO A 349 -16.81 -9.52 0.21
CA PRO A 349 -16.32 -9.18 1.56
C PRO A 349 -15.87 -10.38 2.40
N ASP A 350 -16.16 -11.61 1.97
CA ASP A 350 -15.74 -12.81 2.69
C ASP A 350 -14.53 -13.49 2.06
N ALA A 351 -13.93 -12.88 1.04
CA ALA A 351 -12.89 -13.58 0.30
C ALA A 351 -11.57 -13.68 1.07
N MET A 352 -11.32 -12.80 2.05
CA MET A 352 -10.02 -12.81 2.74
C MET A 352 -10.03 -11.88 3.96
N ASN A 353 -9.82 -12.40 5.17
CA ASN A 353 -9.75 -11.55 6.34
C ASN A 353 -8.28 -11.38 6.75
N ALA A 354 -8.04 -10.61 7.83
CA ALA A 354 -6.65 -10.33 8.22
C ALA A 354 -5.90 -11.59 8.59
N ARG A 355 -6.53 -12.49 9.35
CA ARG A 355 -5.81 -13.69 9.79
C ARG A 355 -5.52 -14.64 8.63
N GLN A 356 -6.45 -14.77 7.68
CA GLN A 356 -6.21 -15.60 6.50
C GLN A 356 -5.05 -15.06 5.67
N ALA A 357 -4.97 -13.73 5.51
CA ALA A 357 -3.86 -13.12 4.78
C ALA A 357 -2.54 -13.32 5.52
N LEU A 358 -2.54 -13.10 6.84
CA LEU A 358 -1.33 -13.31 7.62
C LEU A 358 -0.89 -14.78 7.59
N GLU A 359 -1.84 -15.73 7.58
CA GLU A 359 -1.45 -17.14 7.47
C GLU A 359 -0.75 -17.42 6.16
N ILE A 360 -1.29 -16.88 5.06
CA ILE A 360 -0.63 -17.03 3.77
C ILE A 360 0.80 -16.50 3.83
N ALA A 361 0.98 -15.35 4.48
CA ALA A 361 2.30 -14.72 4.56
C ALA A 361 3.27 -15.47 5.48
N THR A 362 2.79 -16.43 6.28
CA THR A 362 3.69 -17.14 7.19
C THR A 362 3.65 -18.63 6.91
N ARG A 363 2.67 -19.35 7.46
CA ARG A 363 2.58 -20.79 7.23
C ARG A 363 2.50 -21.11 5.74
N GLY A 364 1.73 -20.31 4.99
CA GLY A 364 1.60 -20.57 3.56
C GLY A 364 2.94 -20.49 2.85
N GLY A 365 3.77 -19.51 3.20
CA GLY A 365 5.10 -19.44 2.62
C GLY A 365 5.97 -20.61 3.02
N ALA A 366 5.92 -21.01 4.30
CA ALA A 366 6.68 -22.18 4.72
C ALA A 366 6.29 -23.41 3.91
N LYS A 367 4.97 -23.59 3.69
CA LYS A 367 4.51 -24.76 2.96
C LYS A 367 5.02 -24.78 1.52
N VAL A 368 4.90 -23.66 0.79
CA VAL A 368 5.30 -23.73 -0.63
C VAL A 368 6.81 -23.87 -0.78
N LEU A 369 7.59 -23.44 0.21
CA LEU A 369 9.02 -23.68 0.22
C LEU A 369 9.36 -25.09 0.73
N ASN A 370 8.37 -25.90 1.10
CA ASN A 370 8.58 -27.29 1.55
C ASN A 370 9.42 -27.33 2.84
N ARG A 371 9.01 -26.53 3.82
CA ARG A 371 9.71 -26.40 5.09
C ARG A 371 8.71 -26.52 6.22
N ASP A 372 9.02 -27.35 7.23
CA ASP A 372 8.15 -27.47 8.38
C ASP A 372 8.75 -26.86 9.64
N ASP A 373 9.85 -26.09 9.51
CA ASP A 373 10.56 -25.57 10.67
C ASP A 373 10.45 -24.07 10.82
N ILE A 374 9.76 -23.39 9.90
CA ILE A 374 9.49 -21.96 9.99
C ILE A 374 7.99 -21.77 9.78
N GLY A 375 7.54 -20.52 9.95
CA GLY A 375 6.17 -20.13 9.65
C GLY A 375 5.26 -19.97 10.86
N TYR A 376 5.64 -20.51 12.01
CA TYR A 376 4.87 -20.25 13.23
C TYR A 376 5.79 -20.46 14.42
N LEU A 377 5.31 -20.01 15.59
CA LEU A 377 6.09 -19.95 16.83
C LEU A 377 5.58 -21.02 17.78
N ALA A 378 6.41 -22.03 18.01
CA ALA A 378 6.12 -23.13 18.93
C ALA A 378 7.46 -23.72 19.30
N THR A 379 7.46 -24.51 20.38
CA THR A 379 8.65 -25.20 20.81
C THR A 379 9.30 -25.95 19.66
N GLY A 380 10.61 -25.74 19.48
CA GLY A 380 11.38 -26.45 18.48
C GLY A 380 11.37 -25.82 17.11
N MET A 381 10.53 -24.82 16.88
CA MET A 381 10.51 -24.10 15.62
C MET A 381 11.71 -23.13 15.58
N ALA A 382 12.08 -22.73 14.37
CA ALA A 382 13.14 -21.74 14.22
C ALA A 382 12.73 -20.42 14.88
N ALA A 383 13.72 -19.76 15.49
CA ALA A 383 13.50 -18.47 16.16
C ALA A 383 13.49 -17.35 15.11
N ASP A 384 12.37 -17.26 14.37
CA ASP A 384 12.13 -16.25 13.33
C ASP A 384 10.86 -15.50 13.69
N PHE A 385 10.98 -14.24 14.11
CA PHE A 385 9.80 -13.46 14.45
C PHE A 385 10.17 -11.98 14.43
N VAL A 386 9.14 -11.13 14.35
CA VAL A 386 9.33 -9.68 14.31
C VAL A 386 8.33 -9.04 15.25
N ALA A 387 8.58 -7.78 15.61
CA ALA A 387 7.69 -7.06 16.51
C ALA A 387 7.43 -5.68 15.96
N PHE A 388 6.16 -5.28 15.93
CA PHE A 388 5.75 -3.93 15.56
C PHE A 388 5.29 -3.20 16.81
N ASP A 389 5.73 -1.96 16.95
CA ASP A 389 5.25 -1.07 18.00
C ASP A 389 3.80 -0.70 17.73
N LEU A 390 2.92 -1.00 18.68
CA LEU A 390 1.49 -0.71 18.55
C LEU A 390 1.12 0.72 18.92
N ASN A 391 2.04 1.50 19.46
CA ASN A 391 1.74 2.85 19.93
C ASN A 391 2.24 3.93 18.97
N THR A 392 2.30 3.61 17.67
CA THR A 392 2.68 4.59 16.65
C THR A 392 1.45 5.34 16.14
N LEU A 393 1.71 6.45 15.46
CA LEU A 393 0.61 7.19 14.84
C LEU A 393 -0.15 6.29 13.86
N ASN A 394 0.58 5.50 13.07
CA ASN A 394 -0.02 4.69 12.00
C ASN A 394 -1.09 3.73 12.51
N LEU A 395 -0.96 3.27 13.75
CA LEU A 395 -1.86 2.28 14.33
C LEU A 395 -2.75 2.90 15.40
N ALA A 396 -2.75 4.23 15.52
CA ALA A 396 -3.57 4.89 16.53
C ALA A 396 -5.05 4.62 16.27
N GLY A 397 -5.74 4.15 17.29
CA GLY A 397 -7.14 3.80 17.16
C GLY A 397 -7.39 2.39 16.64
N ALA A 398 -6.34 1.59 16.45
CA ALA A 398 -6.45 0.23 15.91
C ALA A 398 -6.07 -0.84 16.94
N LYS A 399 -5.87 -0.46 18.19
CA LYS A 399 -5.48 -1.48 19.17
C LYS A 399 -6.63 -2.40 19.55
N HIS A 400 -7.84 -2.17 19.05
CA HIS A 400 -8.95 -3.09 19.25
C HIS A 400 -8.66 -4.48 18.71
N ASP A 401 -7.75 -4.60 17.74
CA ASP A 401 -7.31 -5.89 17.24
C ASP A 401 -5.90 -5.67 16.71
N PRO A 402 -4.88 -5.89 17.55
CA PRO A 402 -3.50 -5.64 17.11
C PRO A 402 -3.11 -6.45 15.88
N LEU A 403 -3.60 -7.67 15.73
CA LEU A 403 -3.25 -8.45 14.55
C LEU A 403 -3.83 -7.82 13.28
N ALA A 404 -5.15 -7.57 13.26
CA ALA A 404 -5.78 -6.99 12.08
C ALA A 404 -5.19 -5.62 11.74
N ALA A 405 -4.74 -4.87 12.75
CA ALA A 405 -4.15 -3.55 12.52
C ALA A 405 -2.98 -3.60 11.53
N LEU A 406 -2.18 -4.68 11.59
CA LEU A 406 -1.04 -4.83 10.71
C LEU A 406 -1.45 -4.97 9.25
N VAL A 407 -2.65 -5.50 9.00
CA VAL A 407 -3.11 -5.80 7.64
C VAL A 407 -4.04 -4.70 7.14
N PHE A 408 -4.83 -4.11 8.04
CA PHE A 408 -5.78 -3.09 7.62
C PHE A 408 -5.19 -1.69 7.61
N CYS A 409 -4.16 -1.44 8.41
CA CYS A 409 -3.48 -0.15 8.43
C CYS A 409 -2.18 -0.27 7.66
N THR A 410 -1.39 0.81 7.67
CA THR A 410 -0.09 0.82 6.99
C THR A 410 0.97 1.12 8.04
N PRO A 411 1.48 0.10 8.72
CA PRO A 411 2.52 0.33 9.74
C PRO A 411 3.84 0.75 9.09
N GLY A 412 4.69 1.34 9.91
CA GLY A 412 6.07 1.60 9.52
C GLY A 412 6.91 0.35 9.60
N ASN A 413 8.22 0.54 9.79
CA ASN A 413 9.16 -0.56 9.89
C ASN A 413 8.91 -1.35 11.18
N VAL A 414 9.38 -2.60 11.18
CA VAL A 414 9.37 -3.35 12.43
C VAL A 414 10.26 -2.64 13.46
N ALA A 415 9.94 -2.87 14.75
CA ALA A 415 10.81 -2.43 15.82
C ALA A 415 11.92 -3.43 16.09
N PHE A 416 11.62 -4.74 16.07
CA PHE A 416 12.61 -5.79 16.29
C PHE A 416 12.41 -6.92 15.27
N SER A 417 13.51 -7.56 14.91
CA SER A 417 13.43 -8.76 14.10
C SER A 417 14.50 -9.72 14.56
N VAL A 418 14.11 -10.99 14.70
CA VAL A 418 14.98 -12.10 15.07
C VAL A 418 14.93 -13.13 13.95
N ILE A 419 16.09 -13.48 13.39
CA ILE A 419 16.19 -14.50 12.36
C ILE A 419 17.21 -15.53 12.82
N ASN A 420 16.78 -16.78 12.95
CA ASN A 420 17.67 -17.86 13.38
C ASN A 420 18.28 -17.55 14.75
N GLY A 421 17.51 -16.87 15.60
CA GLY A 421 17.96 -16.51 16.92
C GLY A 421 18.82 -15.27 17.00
N GLN A 422 19.18 -14.67 15.87
CA GLN A 422 20.00 -13.48 15.85
C GLN A 422 19.10 -12.26 15.77
N VAL A 423 19.33 -11.29 16.65
CA VAL A 423 18.54 -10.06 16.63
C VAL A 423 19.04 -9.16 15.51
N VAL A 424 18.43 -9.25 14.33
CA VAL A 424 18.96 -8.56 13.16
C VAL A 424 18.48 -7.12 13.06
N ILE A 425 17.35 -6.80 13.68
CA ILE A 425 16.87 -5.42 13.75
C ILE A 425 16.56 -5.12 15.20
N ARG A 426 17.05 -3.97 15.67
CA ARG A 426 16.93 -3.57 17.06
C ARG A 426 16.44 -2.13 17.10
N GLU A 427 15.26 -1.91 17.69
CA GLU A 427 14.63 -0.60 17.75
C GLU A 427 14.65 0.10 16.40
N GLY A 428 14.21 -0.63 15.37
CA GLY A 428 14.05 -0.09 14.04
C GLY A 428 15.32 0.00 13.21
N VAL A 429 16.46 -0.42 13.75
CA VAL A 429 17.77 -0.24 13.11
C VAL A 429 18.30 -1.61 12.68
N LEU A 430 18.58 -1.76 11.39
CA LEU A 430 19.19 -2.99 10.86
C LEU A 430 20.63 -3.11 11.36
N GLN A 431 20.93 -4.24 12.00
CA GLN A 431 22.18 -4.42 12.72
C GLN A 431 23.29 -5.07 11.90
N THR A 432 22.94 -5.81 10.84
CA THR A 432 23.89 -6.74 10.23
C THR A 432 24.68 -6.13 9.08
N ILE A 433 24.29 -4.96 8.60
CA ILE A 433 25.02 -4.24 7.56
C ILE A 433 24.99 -2.77 7.94
N ASP A 434 25.88 -2.00 7.32
CA ASP A 434 25.82 -0.56 7.42
C ASP A 434 24.84 -0.10 6.35
N LEU A 435 23.56 -0.01 6.73
CA LEU A 435 22.52 0.22 5.73
C LEU A 435 22.71 1.51 4.94
N PRO A 436 22.99 2.67 5.56
CA PRO A 436 23.19 3.88 4.73
C PRO A 436 24.31 3.73 3.71
N SER A 437 25.38 3.03 4.08
CA SER A 437 26.48 2.77 3.15
C SER A 437 26.04 1.84 2.02
N VAL A 438 25.28 0.79 2.33
CA VAL A 438 24.82 -0.11 1.27
C VAL A 438 23.87 0.61 0.32
N VAL A 439 22.96 1.43 0.86
CA VAL A 439 22.04 2.18 0.00
C VAL A 439 22.82 3.12 -0.91
N GLN A 440 23.85 3.76 -0.38
CA GLN A 440 24.71 4.63 -1.17
C GLN A 440 25.35 3.88 -2.33
N GLN A 441 25.97 2.73 -2.04
CA GLN A 441 26.58 1.91 -3.09
C GLN A 441 25.55 1.50 -4.12
N HIS A 442 24.37 1.09 -3.64
CA HIS A 442 23.31 0.61 -4.51
C HIS A 442 22.90 1.67 -5.52
N ASN A 443 22.67 2.90 -5.07
CA ASN A 443 22.23 3.94 -5.99
C ASN A 443 23.35 4.33 -6.94
N ARG A 444 24.60 4.31 -6.45
CA ARG A 444 25.73 4.58 -7.33
C ARG A 444 25.84 3.53 -8.42
N LEU A 445 25.69 2.25 -8.05
CA LEU A 445 25.75 1.17 -9.03
C LEU A 445 24.58 1.24 -10.00
N ALA A 446 23.38 1.59 -9.50
CA ALA A 446 22.24 1.76 -10.38
C ALA A 446 22.50 2.84 -11.41
N CYS A 447 23.14 3.93 -10.99
CA CYS A 447 23.52 4.98 -11.91
C CYS A 447 24.46 4.45 -12.98
N LEU A 448 25.50 3.73 -12.55
CA LEU A 448 26.46 3.16 -13.50
C LEU A 448 25.78 2.21 -14.47
N LEU A 449 24.88 1.36 -13.96
CA LEU A 449 24.24 0.36 -14.81
C LEU A 449 23.41 1.00 -15.93
N VAL A 450 22.65 2.05 -15.61
CA VAL A 450 21.76 2.61 -16.63
C VAL A 450 22.50 3.49 -17.63
N ASN A 451 23.70 3.97 -17.30
CA ASN A 451 24.46 4.80 -18.22
C ASN A 451 25.44 3.99 -19.05
N ARG A 452 25.37 2.66 -18.98
CA ARG A 452 26.23 1.81 -19.78
C ARG A 452 25.91 1.95 -21.28
N HIS A 453 26.92 1.76 -22.12
CA HIS A 453 26.75 1.83 -23.56
C HIS A 453 26.04 0.57 -24.07
N ARG A 454 24.93 0.77 -24.75
CA ARG A 454 24.18 -0.33 -25.35
C ARG A 454 23.49 0.11 -26.63
N LYS B 3 7.05 40.95 5.32
CA LYS B 3 6.56 39.57 5.39
C LYS B 3 7.70 38.55 5.36
N ARG B 4 7.50 37.47 6.11
CA ARG B 4 8.51 36.42 6.28
C ARG B 4 8.77 35.72 4.95
N THR B 5 10.05 35.58 4.59
CA THR B 5 10.45 34.90 3.37
C THR B 5 11.12 33.57 3.67
N LEU B 6 10.93 32.61 2.78
CA LEU B 6 11.41 31.26 2.95
C LEU B 6 11.89 30.76 1.60
N LEU B 7 13.11 30.23 1.55
CA LEU B 7 13.68 29.66 0.35
C LEU B 7 13.97 28.18 0.56
N PHE B 8 13.41 27.35 -0.30
CA PHE B 8 13.71 25.93 -0.38
C PHE B 8 14.60 25.73 -1.59
N LYS B 9 15.84 25.28 -1.39
CA LYS B 9 16.78 25.30 -2.48
C LYS B 9 17.39 23.94 -2.76
N ASN B 10 17.73 23.72 -4.03
CA ASN B 10 18.50 22.57 -4.53
C ASN B 10 17.71 21.26 -4.42
N ALA B 11 16.41 21.28 -4.65
CA ALA B 11 15.70 19.99 -4.68
C ALA B 11 16.26 19.16 -5.82
N GLU B 12 16.45 17.86 -5.57
CA GLU B 12 16.87 16.99 -6.66
C GLU B 12 15.86 17.00 -7.81
N LEU B 13 14.57 17.02 -7.47
CA LEU B 13 13.51 17.23 -8.44
C LEU B 13 12.42 18.05 -7.78
N LEU B 14 12.03 19.14 -8.44
CA LEU B 14 10.92 19.98 -8.00
C LEU B 14 9.77 19.78 -8.98
N VAL B 15 8.75 19.06 -8.54
CA VAL B 15 7.57 18.77 -9.37
C VAL B 15 6.55 19.86 -9.12
N THR B 16 6.21 20.62 -10.17
CA THR B 16 5.32 21.77 -10.01
C THR B 16 3.85 21.45 -10.21
N MET B 17 3.52 20.45 -11.04
CA MET B 17 2.17 20.32 -11.61
C MET B 17 1.66 21.64 -12.21
N ASP B 18 2.56 22.53 -12.65
CA ASP B 18 2.10 23.79 -13.22
C ASP B 18 1.54 23.56 -14.63
N ASP B 19 1.21 24.64 -15.34
CA ASP B 19 0.52 24.52 -16.62
C ASP B 19 1.41 23.87 -17.68
N GLU B 20 2.72 23.91 -17.53
CA GLU B 20 3.63 23.16 -18.39
C GLU B 20 4.08 21.84 -17.76
N ARG B 21 3.54 21.47 -16.60
CA ARG B 21 4.00 20.33 -15.81
C ARG B 21 5.52 20.29 -15.73
N ARG B 22 6.11 21.44 -15.41
CA ARG B 22 7.55 21.50 -15.23
C ARG B 22 7.98 20.59 -14.10
N GLU B 23 9.10 19.89 -14.31
CA GLU B 23 9.76 19.08 -13.29
C GLU B 23 11.21 19.55 -13.28
N ILE B 24 11.59 20.34 -12.29
CA ILE B 24 12.84 21.09 -12.33
C ILE B 24 13.92 20.39 -11.52
N ARG B 25 14.98 19.95 -12.21
CA ARG B 25 16.15 19.43 -11.51
C ARG B 25 16.87 20.56 -10.79
N GLY B 26 17.25 20.34 -9.53
CA GLY B 26 17.89 21.42 -8.81
C GLY B 26 16.97 22.59 -8.54
N GLY B 27 15.65 22.37 -8.59
CA GLY B 27 14.71 23.47 -8.50
C GLY B 27 14.69 24.14 -7.14
N CYS B 28 14.17 25.36 -7.11
N CYS B 28 14.19 25.36 -7.10
CA CYS B 28 14.10 26.16 -5.89
CA CYS B 28 14.02 26.01 -5.81
C CYS B 28 12.72 26.82 -5.80
C CYS B 28 12.70 26.76 -5.78
N LEU B 29 12.26 27.04 -4.56
CA LEU B 29 10.95 27.62 -4.29
C LEU B 29 11.15 28.80 -3.35
N LEU B 30 10.69 29.97 -3.75
CA LEU B 30 10.74 31.17 -2.92
C LEU B 30 9.34 31.51 -2.46
N VAL B 31 9.18 31.65 -1.15
CA VAL B 31 7.90 31.86 -0.50
C VAL B 31 7.95 33.20 0.23
N GLU B 32 6.83 33.93 0.21
CA GLU B 32 6.66 35.09 1.08
C GLU B 32 5.30 35.01 1.74
N GLY B 33 5.28 35.10 3.07
CA GLY B 33 4.03 34.93 3.78
C GLY B 33 3.43 33.57 3.47
N ASN B 34 2.19 33.55 2.99
CA ASN B 34 1.49 32.29 2.72
C ASN B 34 1.48 31.92 1.24
N ARG B 35 2.26 32.62 0.40
CA ARG B 35 2.12 32.39 -1.02
C ARG B 35 3.49 32.30 -1.69
N ILE B 36 3.48 31.72 -2.89
CA ILE B 36 4.69 31.45 -3.65
C ILE B 36 5.08 32.69 -4.46
N VAL B 37 6.34 33.08 -4.36
CA VAL B 37 6.87 34.20 -5.14
C VAL B 37 7.33 33.75 -6.51
N ALA B 38 8.16 32.71 -6.58
CA ALA B 38 8.68 32.25 -7.86
C ALA B 38 9.17 30.82 -7.69
N VAL B 39 9.19 30.08 -8.81
CA VAL B 39 9.63 28.69 -8.85
C VAL B 39 10.64 28.56 -9.97
N GLY B 40 11.81 28.00 -9.66
CA GLY B 40 12.78 27.75 -10.71
C GLY B 40 14.10 27.26 -10.14
N GLY B 41 15.08 27.16 -11.03
CA GLY B 41 16.44 26.85 -10.65
C GLY B 41 17.30 28.09 -10.84
N ASP B 42 18.58 27.87 -11.15
CA ASP B 42 19.55 28.93 -11.44
C ASP B 42 19.65 30.04 -10.41
N GLU B 43 19.70 31.29 -10.88
CA GLU B 43 19.93 32.44 -10.03
C GLU B 43 18.91 32.59 -8.92
N LEU B 44 17.70 32.03 -9.07
CA LEU B 44 16.73 32.14 -8.00
C LEU B 44 17.19 31.41 -6.73
N CYS B 45 18.07 30.42 -6.86
CA CYS B 45 18.58 29.70 -5.70
C CYS B 45 19.54 30.54 -4.86
N ALA B 46 20.11 31.60 -5.43
CA ALA B 46 20.98 32.54 -4.72
C ALA B 46 20.20 33.61 -3.95
N ALA B 47 18.88 33.51 -3.92
CA ALA B 47 18.07 34.52 -3.25
C ALA B 47 18.30 34.47 -1.74
N PRO B 48 18.56 35.61 -1.10
CA PRO B 48 18.52 35.64 0.36
C PRO B 48 17.08 35.50 0.83
N ALA B 49 16.93 34.96 2.04
CA ALA B 49 15.61 34.80 2.61
C ALA B 49 15.78 34.70 4.12
N ASP B 50 14.69 34.99 4.83
CA ASP B 50 14.72 34.92 6.29
C ASP B 50 15.03 33.51 6.77
N GLU B 51 14.61 32.48 6.03
CA GLU B 51 15.06 31.14 6.34
C GLU B 51 15.30 30.38 5.05
N GLU B 52 16.45 29.74 4.95
CA GLU B 52 16.78 28.87 3.84
C GLU B 52 16.83 27.44 4.32
N ILE B 53 16.26 26.52 3.53
CA ILE B 53 16.27 25.10 3.83
C ILE B 53 16.84 24.37 2.63
N ASP B 54 17.84 23.54 2.86
CA ASP B 54 18.52 22.82 1.79
C ASP B 54 17.81 21.50 1.53
N LEU B 55 17.39 21.30 0.28
CA LEU B 55 16.61 20.13 -0.10
C LEU B 55 17.36 19.22 -1.07
N ARG B 56 18.70 19.29 -1.09
CA ARG B 56 19.48 18.35 -1.87
C ARG B 56 19.06 16.93 -1.51
N GLY B 57 19.01 16.06 -2.51
CA GLY B 57 18.61 14.68 -2.28
C GLY B 57 17.13 14.46 -2.03
N HIS B 58 16.29 15.50 -2.16
CA HIS B 58 14.85 15.38 -1.94
C HIS B 58 14.07 15.68 -3.20
N ILE B 59 12.88 15.10 -3.31
CA ILE B 59 11.90 15.52 -4.29
C ILE B 59 10.87 16.39 -3.58
N VAL B 60 10.49 17.50 -4.21
CA VAL B 60 9.40 18.38 -3.77
C VAL B 60 8.22 18.21 -4.71
N ILE B 61 7.03 18.04 -4.14
CA ILE B 61 5.79 17.97 -4.92
C ILE B 61 4.80 18.96 -4.30
N PRO B 62 3.76 19.37 -5.05
CA PRO B 62 2.67 20.11 -4.42
C PRO B 62 2.04 19.26 -3.34
N GLY B 63 1.56 19.91 -2.29
CA GLY B 63 0.91 19.15 -1.22
C GLY B 63 -0.28 18.36 -1.75
N LEU B 64 -0.41 17.13 -1.27
CA LEU B 64 -1.54 16.29 -1.69
C LEU B 64 -2.84 16.83 -1.08
N ILE B 65 -3.95 16.59 -1.76
CA ILE B 65 -5.24 17.15 -1.38
C ILE B 65 -6.20 15.98 -1.15
N ASN B 66 -6.63 15.78 0.09
CA ASN B 66 -7.53 14.70 0.43
C ASN B 66 -8.96 15.20 0.36
N THR B 67 -9.83 14.48 -0.35
CA THR B 67 -11.16 15.02 -0.62
C THR B 67 -12.29 14.18 -0.02
N HIS B 68 -11.97 13.28 0.91
CA HIS B 68 -13.03 12.55 1.60
C HIS B 68 -12.43 11.83 2.80
N HIS B 69 -13.13 11.91 3.92
CA HIS B 69 -12.66 11.32 5.18
C HIS B 69 -13.84 11.25 6.14
N HIS B 70 -13.65 10.49 7.21
CA HIS B 70 -14.49 10.53 8.41
C HIS B 70 -13.51 10.42 9.55
N MET B 71 -12.93 11.56 9.95
CA MET B 71 -11.79 11.46 10.84
C MET B 71 -12.18 10.91 12.20
N PHE B 72 -13.45 11.05 12.61
CA PHE B 72 -13.88 10.49 13.88
C PHE B 72 -13.70 8.96 13.91
N GLN B 73 -13.73 8.31 12.74
CA GLN B 73 -13.56 6.86 12.69
C GLN B 73 -12.14 6.41 13.00
N SER B 74 -11.17 7.32 13.06
CA SER B 74 -9.82 6.90 13.43
C SER B 74 -9.76 6.40 14.86
N LEU B 75 -10.82 6.59 15.66
CA LEU B 75 -10.91 5.98 16.97
C LEU B 75 -11.39 4.54 16.91
N THR B 76 -11.97 4.11 15.79
CA THR B 76 -12.60 2.80 15.67
C THR B 76 -12.07 2.07 14.44
N ARG B 77 -10.77 1.85 14.41
CA ARG B 77 -10.20 1.03 13.35
C ARG B 77 -10.30 -0.44 13.75
N VAL B 78 -10.39 -1.31 12.75
CA VAL B 78 -10.45 -2.76 12.89
C VAL B 78 -11.32 -3.22 14.06
N ILE B 79 -12.50 -2.64 14.22
CA ILE B 79 -13.44 -3.22 15.20
C ILE B 79 -13.73 -4.67 14.79
N PRO B 80 -13.57 -5.65 15.69
CA PRO B 80 -13.72 -7.05 15.24
C PRO B 80 -15.02 -7.35 14.52
N ASP B 81 -16.17 -6.89 15.03
CA ASP B 81 -17.45 -7.14 14.37
C ASP B 81 -17.59 -6.42 13.03
N ALA B 82 -16.68 -5.52 12.69
CA ALA B 82 -16.80 -4.77 11.44
C ALA B 82 -15.72 -5.12 10.43
N GLN B 83 -14.77 -5.99 10.78
CA GLN B 83 -13.63 -6.25 9.91
C GLN B 83 -14.04 -6.95 8.61
N ASP B 84 -15.04 -7.82 8.67
CA ASP B 84 -15.48 -8.60 7.52
C ASP B 84 -16.93 -8.23 7.23
N GLY B 85 -17.19 -7.71 6.03
CA GLY B 85 -18.52 -7.37 5.52
C GLY B 85 -18.63 -6.10 4.67
N GLU B 86 -19.77 -5.93 3.99
CA GLU B 86 -20.00 -4.85 3.02
C GLU B 86 -20.63 -3.62 3.70
N LEU B 87 -20.74 -2.52 2.94
CA LEU B 87 -21.19 -1.21 3.42
C LEU B 87 -22.28 -1.30 4.47
N PHE B 88 -23.52 -1.61 4.07
CA PHE B 88 -24.52 -1.99 5.06
C PHE B 88 -24.01 -3.25 5.78
N ASP B 89 -24.31 -3.35 7.09
CA ASP B 89 -23.87 -4.41 8.02
C ASP B 89 -22.62 -3.95 8.74
N TRP B 90 -21.69 -3.37 7.98
CA TRP B 90 -20.55 -2.69 8.59
C TRP B 90 -21.05 -1.49 9.38
N LEU B 91 -21.88 -0.68 8.72
CA LEU B 91 -22.53 0.46 9.38
C LEU B 91 -23.34 0.02 10.58
N ASN B 92 -24.04 -1.12 10.46
CA ASN B 92 -24.93 -1.55 11.53
C ASN B 92 -24.16 -1.90 12.79
N ASN B 93 -22.93 -2.40 12.65
CA ASN B 93 -22.11 -2.73 13.80
C ASN B 93 -21.36 -1.52 14.36
N LEU B 94 -21.15 -0.48 13.56
CA LEU B 94 -20.37 0.67 14.01
C LEU B 94 -21.22 1.81 14.58
N TYR B 95 -22.43 2.04 14.05
CA TYR B 95 -23.31 3.08 14.60
C TYR B 95 -23.43 3.02 16.12
N PRO B 96 -23.65 1.86 16.76
CA PRO B 96 -23.76 1.85 18.23
C PRO B 96 -22.52 2.33 18.94
N ILE B 97 -21.33 2.08 18.38
CA ILE B 97 -20.11 2.57 19.01
C ILE B 97 -19.99 4.09 18.85
N TRP B 98 -20.33 4.61 17.66
CA TRP B 98 -20.21 6.03 17.41
C TRP B 98 -21.17 6.86 18.25
N ALA B 99 -22.25 6.27 18.75
CA ALA B 99 -23.14 6.98 19.65
C ALA B 99 -22.42 7.46 20.91
N GLY B 100 -21.25 6.91 21.23
CA GLY B 100 -20.53 7.34 22.40
C GLY B 100 -19.57 8.51 22.20
N LEU B 101 -19.49 9.08 21.01
CA LEU B 101 -18.50 10.12 20.74
C LEU B 101 -18.77 11.39 21.54
N THR B 102 -17.72 11.95 22.12
CA THR B 102 -17.76 13.20 22.88
C THR B 102 -17.00 14.30 22.14
N PRO B 103 -17.26 15.57 22.48
CA PRO B 103 -16.50 16.66 21.83
C PRO B 103 -14.98 16.49 21.92
N GLU B 104 -14.48 15.97 23.03
CA GLU B 104 -13.03 15.75 23.13
C GLU B 104 -12.56 14.72 22.11
N MET B 105 -13.33 13.65 21.90
CA MET B 105 -12.93 12.67 20.90
C MET B 105 -12.92 13.27 19.50
N ILE B 106 -13.88 14.14 19.21
CA ILE B 106 -13.87 14.78 17.88
C ILE B 106 -12.61 15.61 17.72
N ARG B 107 -12.26 16.38 18.77
CA ARG B 107 -11.10 17.27 18.70
C ARG B 107 -9.81 16.48 18.53
N ILE B 108 -9.61 15.43 19.32
CA ILE B 108 -8.36 14.67 19.25
C ILE B 108 -8.31 13.84 17.98
N SER B 109 -9.43 13.19 17.59
CA SER B 109 -9.38 12.33 16.42
C SER B 109 -9.19 13.13 15.13
N THR B 110 -9.69 14.36 15.06
CA THR B 110 -9.34 15.22 13.93
C THR B 110 -7.82 15.40 13.84
N GLN B 111 -7.16 15.64 14.98
CA GLN B 111 -5.72 15.82 14.98
C GLN B 111 -4.98 14.54 14.58
N THR B 112 -5.39 13.39 15.12
CA THR B 112 -4.73 12.13 14.77
C THR B 112 -4.81 11.86 13.28
N ALA B 113 -6.02 11.88 12.72
CA ALA B 113 -6.18 11.60 11.29
C ALA B 113 -5.41 12.60 10.44
N MET B 114 -5.47 13.87 10.84
CA MET B 114 -4.80 14.90 10.07
C MET B 114 -3.29 14.73 10.14
N ALA B 115 -2.78 14.29 11.30
CA ALA B 115 -1.35 14.03 11.44
C ALA B 115 -0.91 12.90 10.52
N GLU B 116 -1.69 11.81 10.46
CA GLU B 116 -1.31 10.72 9.56
C GLU B 116 -1.29 11.18 8.11
N LEU B 117 -2.29 11.99 7.71
CA LEU B 117 -2.31 12.53 6.36
C LEU B 117 -1.13 13.46 6.11
N MET B 118 -0.84 14.36 7.05
CA MET B 118 0.24 15.32 6.84
C MET B 118 1.59 14.64 6.70
N LEU B 119 1.85 13.63 7.54
CA LEU B 119 3.13 12.93 7.47
C LEU B 119 3.23 12.03 6.23
N SER B 120 2.12 11.74 5.55
CA SER B 120 2.16 11.01 4.29
C SER B 120 1.91 11.92 3.08
N GLY B 121 2.10 13.23 3.23
CA GLY B 121 2.21 14.11 2.08
C GLY B 121 1.07 15.08 1.85
N CYS B 122 0.05 15.08 2.71
CA CYS B 122 -1.17 15.83 2.44
C CYS B 122 -1.15 17.18 3.17
N THR B 123 -1.51 18.25 2.46
CA THR B 123 -1.54 19.59 3.03
C THR B 123 -2.94 20.22 3.09
N THR B 124 -3.90 19.70 2.32
CA THR B 124 -5.30 20.13 2.39
C THR B 124 -6.16 18.87 2.50
N SER B 125 -7.16 18.90 3.40
CA SER B 125 -8.10 17.80 3.50
C SER B 125 -9.49 18.33 3.80
N SER B 126 -10.48 17.62 3.26
CA SER B 126 -11.83 17.75 3.74
C SER B 126 -12.08 16.68 4.81
N ASP B 127 -13.22 16.81 5.48
CA ASP B 127 -13.73 15.78 6.36
C ASP B 127 -15.23 15.67 6.11
N HIS B 128 -15.82 14.59 6.58
CA HIS B 128 -17.25 14.38 6.44
C HIS B 128 -17.76 13.81 7.78
N LEU B 129 -17.75 14.66 8.80
CA LEU B 129 -18.34 14.31 10.09
C LEU B 129 -19.86 14.38 9.99
N TYR B 130 -20.54 13.25 10.17
CA TYR B 130 -21.99 13.21 10.01
C TYR B 130 -22.74 12.68 11.22
N VAL B 131 -22.07 12.48 12.35
CA VAL B 131 -22.74 12.11 13.59
C VAL B 131 -22.42 13.18 14.64
N TYR B 132 -23.43 13.55 15.44
CA TYR B 132 -23.28 14.63 16.42
C TYR B 132 -23.94 14.25 17.76
N PRO B 133 -23.51 13.14 18.37
CA PRO B 133 -24.07 12.77 19.67
C PRO B 133 -23.42 13.57 20.78
N ASN B 134 -24.08 13.57 21.94
CA ASN B 134 -23.45 14.00 23.19
C ASN B 134 -22.87 15.41 23.11
N GLY B 135 -23.56 16.30 22.40
CA GLY B 135 -23.10 17.67 22.28
C GLY B 135 -21.94 17.90 21.34
N CYS B 136 -21.52 16.88 20.58
CA CYS B 136 -20.50 17.06 19.55
C CYS B 136 -20.93 18.13 18.54
N ARG B 137 -19.96 18.90 18.05
CA ARG B 137 -20.22 19.93 17.04
C ARG B 137 -19.07 19.96 16.05
N LEU B 138 -19.35 20.42 14.83
CA LEU B 138 -18.28 20.61 13.85
C LEU B 138 -17.21 21.55 14.40
N ASP B 139 -17.61 22.47 15.29
CA ASP B 139 -16.66 23.36 15.96
C ASP B 139 -15.52 22.59 16.61
N ASP B 140 -15.82 21.43 17.24
CA ASP B 140 -14.78 20.65 17.90
C ASP B 140 -13.74 20.16 16.90
N SER B 141 -14.17 19.76 15.71
CA SER B 141 -13.23 19.36 14.68
C SER B 141 -12.43 20.54 14.17
N ILE B 142 -13.08 21.70 14.03
CA ILE B 142 -12.38 22.90 13.59
C ILE B 142 -11.31 23.30 14.59
N ASP B 143 -11.61 23.18 15.88
CA ASP B 143 -10.62 23.47 16.93
C ASP B 143 -9.36 22.65 16.75
N GLY B 144 -9.51 21.34 16.53
CA GLY B 144 -8.35 20.48 16.35
C GLY B 144 -7.60 20.78 15.06
N ALA B 145 -8.35 21.06 13.98
CA ALA B 145 -7.71 21.39 12.71
C ALA B 145 -6.89 22.65 12.84
N ARG B 146 -7.36 23.60 13.65
CA ARG B 146 -6.65 24.85 13.85
C ARG B 146 -5.35 24.65 14.62
N GLU B 147 -5.31 23.73 15.58
CA GLU B 147 -4.06 23.50 16.28
C GLU B 147 -3.00 22.91 15.36
N ILE B 148 -3.39 21.99 14.48
CA ILE B 148 -2.39 21.24 13.73
C ILE B 148 -1.95 21.98 12.47
N GLY B 149 -2.73 22.95 12.00
CA GLY B 149 -2.30 23.81 10.92
C GLY B 149 -2.58 23.31 9.52
N MET B 150 -3.49 22.37 9.34
CA MET B 150 -3.77 21.88 8.01
C MET B 150 -4.88 22.71 7.38
N ARG B 151 -4.78 22.90 6.07
CA ARG B 151 -5.83 23.59 5.32
C ARG B 151 -7.08 22.71 5.24
N PHE B 152 -8.22 23.24 5.66
CA PHE B 152 -9.34 22.40 6.09
C PHE B 152 -10.65 22.80 5.38
N HIS B 153 -11.28 21.84 4.72
CA HIS B 153 -12.64 21.97 4.21
C HIS B 153 -13.54 21.11 5.09
N ALA B 154 -14.19 21.73 6.07
CA ALA B 154 -15.02 21.01 7.03
C ALA B 154 -16.44 20.89 6.46
N CYS B 155 -16.94 19.66 6.33
CA CYS B 155 -18.30 19.44 5.86
C CYS B 155 -19.24 19.27 7.04
N ARG B 156 -20.37 20.00 7.03
CA ARG B 156 -21.44 19.74 7.98
C ARG B 156 -22.20 18.53 7.45
N GLY B 157 -21.73 17.34 7.81
CA GLY B 157 -22.46 16.13 7.48
C GLY B 157 -23.74 16.04 8.28
N SER B 158 -24.66 15.21 7.79
CA SER B 158 -25.92 15.09 8.50
C SER B 158 -26.62 13.78 8.13
N MET B 159 -27.44 13.32 9.05
CA MET B 159 -28.37 12.24 8.79
C MET B 159 -29.69 12.62 9.43
N SER B 160 -30.78 12.36 8.73
CA SER B 160 -32.09 12.64 9.27
C SER B 160 -33.05 11.46 9.18
N VAL B 161 -32.84 10.51 8.29
CA VAL B 161 -33.79 9.44 8.05
C VAL B 161 -33.28 8.24 8.83
N GLY B 162 -33.87 8.01 10.01
CA GLY B 162 -33.45 6.90 10.85
C GLY B 162 -34.12 5.60 10.40
N ARG B 163 -33.92 4.55 11.20
CA ARG B 163 -34.40 3.24 10.76
C ARG B 163 -35.94 3.17 10.73
N SER B 164 -36.63 3.86 11.63
CA SER B 164 -38.10 3.92 11.59
C SER B 164 -38.65 4.49 10.29
N LYS B 165 -37.91 5.32 9.57
CA LYS B 165 -38.43 6.04 8.40
C LYS B 165 -37.93 5.49 7.08
N GLY B 166 -37.54 4.23 7.04
CA GLY B 166 -37.09 3.62 5.80
C GLY B 166 -35.64 3.84 5.48
N GLY B 167 -34.87 4.40 6.41
CA GLY B 167 -33.45 4.64 6.21
C GLY B 167 -32.58 3.67 6.97
N LEU B 168 -31.26 3.91 6.88
CA LEU B 168 -30.34 2.95 7.47
C LEU B 168 -29.94 3.32 8.90
N PRO B 169 -29.53 4.54 9.26
CA PRO B 169 -28.95 4.76 10.63
C PRO B 169 -29.97 4.50 11.73
N PRO B 170 -29.53 4.18 12.96
CA PRO B 170 -30.49 4.03 14.04
C PRO B 170 -31.08 5.39 14.40
N ASP B 171 -32.32 5.37 14.89
CA ASP B 171 -33.07 6.61 15.08
C ASP B 171 -32.34 7.60 15.98
N GLU B 172 -31.59 7.12 16.96
CA GLU B 172 -30.87 8.00 17.88
C GLU B 172 -29.81 8.82 17.15
N LEU B 173 -29.17 8.28 16.12
CA LEU B 173 -28.04 8.98 15.53
C LEU B 173 -28.43 10.00 14.47
N VAL B 174 -29.72 10.24 14.24
CA VAL B 174 -30.18 11.18 13.22
C VAL B 174 -30.74 12.42 13.90
N GLU B 175 -30.76 13.53 13.16
CA GLU B 175 -31.23 14.81 13.68
C GLU B 175 -32.43 15.30 12.90
N ASN B 176 -33.10 16.29 13.49
CA ASN B 176 -34.22 17.00 12.86
C ASN B 176 -33.72 17.92 11.74
N GLU B 177 -34.45 17.94 10.62
CA GLU B 177 -33.91 18.57 9.42
C GLU B 177 -33.84 20.09 9.56
N GLN B 178 -34.74 20.70 10.35
CA GLN B 178 -34.64 22.13 10.56
C GLN B 178 -33.44 22.48 11.45
N ALA B 179 -33.16 21.64 12.44
CA ALA B 179 -31.94 21.81 13.23
C ALA B 179 -30.69 21.75 12.34
N ILE B 180 -30.66 20.82 11.38
CA ILE B 180 -29.50 20.66 10.51
C ILE B 180 -29.27 21.92 9.68
N LEU B 181 -30.34 22.45 9.11
CA LEU B 181 -30.21 23.62 8.24
C LEU B 181 -29.79 24.85 9.04
N GLU B 182 -30.32 25.02 10.26
CA GLU B 182 -29.89 26.14 11.10
C GLU B 182 -28.44 26.00 11.51
N ASP B 183 -28.00 24.79 11.89
CA ASP B 183 -26.61 24.61 12.26
C ASP B 183 -25.69 24.84 11.06
N SER B 184 -26.11 24.39 9.88
CA SER B 184 -25.31 24.61 8.67
C SER B 184 -25.13 26.09 8.41
N LEU B 185 -26.22 26.86 8.50
CA LEU B 185 -26.12 28.29 8.29
C LEU B 185 -25.22 28.94 9.34
N ARG B 186 -25.34 28.52 10.60
CA ARG B 186 -24.49 29.08 11.64
C ARG B 186 -23.01 28.80 11.34
N LEU B 187 -22.71 27.57 10.93
CA LEU B 187 -21.32 27.19 10.68
C LEU B 187 -20.73 28.01 9.53
N ILE B 188 -21.50 28.18 8.46
CA ILE B 188 -21.05 28.99 7.34
C ILE B 188 -20.72 30.41 7.81
N HIS B 189 -21.69 31.04 8.49
CA HIS B 189 -21.49 32.41 8.95
C HIS B 189 -20.28 32.54 9.87
N SER B 190 -20.06 31.53 10.73
CA SER B 190 -18.99 31.68 11.71
C SER B 190 -17.62 31.28 11.16
N TYR B 191 -17.55 30.41 10.16
CA TYR B 191 -16.27 29.78 9.85
C TYR B 191 -15.84 29.84 8.39
N HIS B 192 -16.79 29.97 7.46
CA HIS B 192 -16.45 29.89 6.05
C HIS B 192 -15.68 31.12 5.61
N ASP B 193 -14.43 30.92 5.18
CA ASP B 193 -13.58 32.00 4.68
C ASP B 193 -13.48 31.81 3.16
N ALA B 194 -14.13 32.69 2.40
CA ALA B 194 -14.24 32.50 0.97
C ALA B 194 -13.09 33.10 0.17
N GLN B 195 -12.13 33.76 0.80
CA GLN B 195 -11.12 34.41 -0.03
C GLN B 195 -9.87 33.55 -0.23
N ARG B 196 -9.02 34.05 -1.12
CA ARG B 196 -7.80 33.37 -1.52
C ARG B 196 -6.92 33.02 -0.32
N TYR B 197 -6.31 31.83 -0.38
CA TYR B 197 -5.44 31.28 0.65
C TYR B 197 -6.20 30.94 1.93
N SER B 198 -7.53 30.85 1.87
CA SER B 198 -8.31 30.49 3.04
C SER B 198 -7.82 29.18 3.64
N MET B 199 -7.76 29.14 4.96
CA MET B 199 -7.41 27.93 5.69
C MET B 199 -8.62 27.16 6.20
N LEU B 200 -9.84 27.70 6.04
CA LEU B 200 -11.03 26.99 6.51
C LEU B 200 -12.19 27.36 5.61
N ARG B 201 -12.82 26.35 5.01
CA ARG B 201 -14.05 26.53 4.26
C ARG B 201 -15.04 25.47 4.72
N ILE B 202 -16.32 25.79 4.56
CA ILE B 202 -17.43 24.94 4.97
C ILE B 202 -18.11 24.40 3.73
N ALA B 203 -18.51 23.14 3.77
CA ALA B 203 -19.39 22.56 2.77
C ALA B 203 -20.52 21.84 3.50
N LEU B 204 -21.61 21.61 2.78
CA LEU B 204 -22.81 20.99 3.32
C LEU B 204 -22.93 19.59 2.74
N ALA B 205 -23.20 18.60 3.59
CA ALA B 205 -22.97 17.20 3.21
C ALA B 205 -23.92 16.24 3.91
N PRO B 206 -25.20 16.23 3.54
CA PRO B 206 -26.06 15.11 3.94
C PRO B 206 -25.38 13.80 3.54
N CYS B 207 -25.43 12.82 4.45
CA CYS B 207 -24.48 11.72 4.36
C CYS B 207 -24.67 10.87 3.10
N SER B 208 -25.90 10.45 2.81
CA SER B 208 -26.15 9.58 1.67
C SER B 208 -27.66 9.54 1.40
N PRO B 209 -28.07 9.05 0.22
CA PRO B 209 -29.51 8.91 -0.08
C PRO B 209 -30.25 7.95 0.85
N PHE B 210 -29.58 6.99 1.48
CA PHE B 210 -30.28 6.08 2.37
C PHE B 210 -30.33 6.60 3.80
N SER B 211 -29.74 7.76 4.07
CA SER B 211 -29.73 8.34 5.40
C SER B 211 -30.39 9.71 5.51
N VAL B 212 -30.79 10.35 4.41
CA VAL B 212 -31.45 11.66 4.48
C VAL B 212 -32.59 11.73 3.48
N SER B 213 -33.52 12.63 3.74
CA SER B 213 -34.66 12.83 2.85
C SER B 213 -34.26 13.64 1.62
N ARG B 214 -35.03 13.45 0.55
CA ARG B 214 -34.85 14.29 -0.62
C ARG B 214 -35.19 15.76 -0.33
N GLU B 215 -36.15 16.01 0.57
CA GLU B 215 -36.45 17.40 0.94
C GLU B 215 -35.21 18.09 1.50
N LEU B 216 -34.48 17.42 2.39
CA LEU B 216 -33.27 18.00 2.95
C LEU B 216 -32.19 18.18 1.89
N MET B 217 -32.11 17.25 0.93
CA MET B 217 -31.16 17.41 -0.16
C MET B 217 -31.43 18.69 -0.96
N VAL B 218 -32.70 18.94 -1.30
CA VAL B 218 -33.03 20.15 -2.08
C VAL B 218 -32.75 21.41 -1.26
N LYS B 219 -33.21 21.45 0.00
CA LYS B 219 -33.01 22.64 0.82
C LYS B 219 -31.53 22.89 1.07
N THR B 220 -30.77 21.82 1.33
CA THR B 220 -29.33 21.97 1.53
C THR B 220 -28.69 22.61 0.30
N ALA B 221 -28.98 22.07 -0.89
CA ALA B 221 -28.44 22.64 -2.13
C ALA B 221 -28.84 24.09 -2.30
N GLN B 222 -30.10 24.43 -1.99
CA GLN B 222 -30.54 25.81 -2.11
C GLN B 222 -29.72 26.73 -1.20
N MET B 223 -29.51 26.33 0.06
CA MET B 223 -28.68 27.10 0.98
C MET B 223 -27.23 27.23 0.51
N ALA B 224 -26.64 26.14 0.06
CA ALA B 224 -25.25 26.20 -0.38
C ALA B 224 -25.08 27.18 -1.54
N ARG B 225 -25.99 27.13 -2.51
CA ARG B 225 -25.92 28.05 -3.65
C ARG B 225 -26.10 29.50 -3.18
N GLU B 226 -27.05 29.73 -2.27
CA GLU B 226 -27.26 31.04 -1.69
C GLU B 226 -26.00 31.54 -0.99
N GLN B 227 -25.31 30.67 -0.26
CA GLN B 227 -24.17 31.06 0.56
C GLN B 227 -22.83 30.98 -0.16
N GLY B 228 -22.79 30.42 -1.36
CA GLY B 228 -21.54 30.30 -2.09
C GLY B 228 -20.59 29.21 -1.60
N VAL B 229 -21.13 28.09 -1.09
CA VAL B 229 -20.31 26.99 -0.60
C VAL B 229 -20.64 25.73 -1.40
N SER B 230 -19.83 24.69 -1.20
CA SER B 230 -19.94 23.46 -1.97
C SER B 230 -20.85 22.44 -1.28
N LEU B 231 -21.15 21.37 -2.04
CA LEU B 231 -22.03 20.28 -1.62
C LEU B 231 -21.29 18.96 -1.80
N HIS B 232 -21.44 18.05 -0.83
CA HIS B 232 -20.71 16.78 -0.84
C HIS B 232 -21.62 15.69 -0.29
N THR B 233 -21.53 14.48 -0.85
CA THR B 233 -22.34 13.36 -0.37
C THR B 233 -21.73 12.06 -0.89
N HIS B 234 -22.23 10.94 -0.37
CA HIS B 234 -21.90 9.61 -0.90
C HIS B 234 -22.84 9.27 -2.04
N LEU B 235 -22.28 8.82 -3.16
CA LEU B 235 -23.10 8.48 -4.32
C LEU B 235 -22.63 7.19 -4.97
N ALA B 236 -23.57 6.27 -5.20
CA ALA B 236 -23.33 5.05 -5.97
C ALA B 236 -22.10 4.29 -5.48
N GLU B 237 -22.06 4.03 -4.17
CA GLU B 237 -20.88 3.39 -3.61
C GLU B 237 -20.82 1.90 -3.91
N ASN B 238 -21.95 1.21 -3.95
CA ASN B 238 -21.96 -0.24 -4.16
C ASN B 238 -23.33 -0.63 -4.70
N ASP B 239 -23.54 -1.95 -4.86
CA ASP B 239 -24.76 -2.44 -5.50
C ASP B 239 -26.00 -2.12 -4.68
N SER B 240 -25.92 -2.28 -3.35
N SER B 240 -25.92 -2.29 -3.35
CA SER B 240 -27.08 -1.99 -2.52
CA SER B 240 -27.05 -1.98 -2.48
C SER B 240 -27.48 -0.52 -2.60
C SER B 240 -27.48 -0.52 -2.64
N ASP B 241 -26.50 0.36 -2.78
CA ASP B 241 -26.77 1.78 -2.96
C ASP B 241 -27.60 2.01 -4.22
N VAL B 242 -27.21 1.37 -5.32
CA VAL B 242 -27.91 1.51 -6.60
C VAL B 242 -29.32 0.94 -6.52
N SER B 243 -29.49 -0.21 -5.86
CA SER B 243 -30.81 -0.82 -5.78
C SER B 243 -31.76 0.01 -4.91
N TYR B 244 -31.27 0.48 -3.77
CA TYR B 244 -32.06 1.35 -2.91
C TYR B 244 -32.58 2.55 -3.68
N SER B 245 -31.70 3.21 -4.43
N SER B 245 -31.72 3.21 -4.45
CA SER B 245 -32.12 4.36 -5.24
CA SER B 245 -32.17 4.38 -5.20
C SER B 245 -33.18 3.96 -6.26
C SER B 245 -33.17 3.98 -6.29
N GLN B 246 -32.99 2.82 -6.91
CA GLN B 246 -33.97 2.37 -7.91
C GLN B 246 -35.29 2.00 -7.25
N THR B 247 -35.24 1.28 -6.13
CA THR B 247 -36.47 0.86 -5.45
C THR B 247 -37.23 2.06 -4.90
N HIS B 248 -36.54 2.96 -4.19
CA HIS B 248 -37.21 3.99 -3.42
C HIS B 248 -37.49 5.24 -4.24
N PHE B 249 -36.69 5.53 -5.26
CA PHE B 249 -36.84 6.75 -6.03
C PHE B 249 -37.03 6.55 -7.52
N GLY B 250 -36.86 5.32 -8.04
CA GLY B 250 -37.08 5.07 -9.45
C GLY B 250 -36.04 5.66 -10.37
N MET B 251 -34.82 5.86 -9.88
CA MET B 251 -33.78 6.53 -10.67
C MET B 251 -32.43 5.88 -10.43
N THR B 252 -31.51 6.12 -11.36
CA THR B 252 -30.11 5.82 -11.11
C THR B 252 -29.55 6.87 -10.16
N PRO B 253 -28.45 6.57 -9.47
CA PRO B 253 -27.86 7.58 -8.57
C PRO B 253 -27.55 8.89 -9.29
N ALA B 254 -27.07 8.82 -10.54
CA ALA B 254 -26.83 10.04 -11.30
C ALA B 254 -28.12 10.78 -11.61
N GLN B 255 -29.17 10.07 -12.01
CA GLN B 255 -30.45 10.74 -12.24
C GLN B 255 -30.98 11.36 -10.96
N TYR B 256 -30.82 10.67 -9.83
CA TYR B 256 -31.27 11.21 -8.55
C TYR B 256 -30.53 12.48 -8.18
N ALA B 257 -29.22 12.50 -8.42
CA ALA B 257 -28.44 13.69 -8.09
C ALA B 257 -28.88 14.89 -8.92
N GLU B 258 -28.96 14.72 -10.24
CA GLU B 258 -29.37 15.82 -11.11
C GLU B 258 -30.78 16.28 -10.78
N ASP B 259 -31.68 15.34 -10.48
CA ASP B 259 -33.04 15.68 -10.11
C ASP B 259 -33.09 16.58 -8.88
N LEU B 260 -32.11 16.45 -7.98
CA LEU B 260 -32.10 17.24 -6.76
C LEU B 260 -31.27 18.52 -6.88
N GLY B 261 -30.69 18.79 -8.04
CA GLY B 261 -29.80 19.93 -8.20
C GLY B 261 -28.38 19.67 -7.76
N TRP B 262 -28.03 18.42 -7.46
CA TRP B 262 -26.70 18.06 -6.96
C TRP B 262 -25.75 17.70 -8.10
N VAL B 263 -25.66 18.62 -9.07
CA VAL B 263 -24.66 18.61 -10.14
C VAL B 263 -24.12 20.03 -10.26
N GLY B 264 -22.92 20.15 -10.84
CA GLY B 264 -22.26 21.45 -10.93
C GLY B 264 -20.87 21.43 -10.32
N SER B 265 -20.05 22.44 -10.64
CA SER B 265 -18.68 22.45 -10.15
C SER B 265 -18.60 22.72 -8.66
N ASP B 266 -19.71 23.08 -8.03
CA ASP B 266 -19.77 23.23 -6.58
C ASP B 266 -20.32 21.97 -5.90
N VAL B 267 -20.28 20.83 -6.58
CA VAL B 267 -20.70 19.54 -6.05
C VAL B 267 -19.57 18.54 -6.21
N TRP B 268 -19.31 17.73 -5.18
CA TRP B 268 -18.47 16.57 -5.43
C TRP B 268 -18.97 15.36 -4.67
N HIS B 269 -19.00 14.22 -5.37
CA HIS B 269 -19.59 12.99 -4.86
C HIS B 269 -18.50 12.00 -4.50
N ALA B 270 -18.59 11.41 -3.31
CA ALA B 270 -17.63 10.39 -2.92
C ALA B 270 -17.97 9.05 -3.57
N HIS B 271 -16.92 8.35 -4.02
CA HIS B 271 -16.94 6.97 -4.53
C HIS B 271 -17.36 6.87 -5.99
N CYS B 272 -18.67 6.95 -6.28
CA CYS B 272 -19.18 6.79 -7.65
C CYS B 272 -18.68 5.50 -8.29
N VAL B 273 -18.53 4.45 -7.47
CA VAL B 273 -18.06 3.16 -7.95
C VAL B 273 -18.98 2.61 -9.02
N LYS B 274 -20.29 2.74 -8.83
CA LYS B 274 -21.30 2.16 -9.72
C LYS B 274 -21.95 3.21 -10.60
N LEU B 275 -21.25 4.31 -10.88
CA LEU B 275 -21.79 5.34 -11.76
C LEU B 275 -21.80 4.81 -13.19
N ASP B 276 -22.93 4.97 -13.89
CA ASP B 276 -23.06 4.40 -15.23
C ASP B 276 -22.54 5.37 -16.29
N ARG B 277 -22.53 4.89 -17.54
CA ARG B 277 -22.02 5.70 -18.64
C ARG B 277 -22.81 6.99 -18.77
N ALA B 278 -24.12 6.93 -18.57
CA ALA B 278 -24.92 8.15 -18.62
C ALA B 278 -24.51 9.12 -17.53
N GLY B 279 -24.28 8.61 -16.31
CA GLY B 279 -23.88 9.47 -15.21
C GLY B 279 -22.52 10.09 -15.42
N ILE B 280 -21.59 9.33 -16.00
CA ILE B 280 -20.26 9.86 -16.31
C ILE B 280 -20.38 11.03 -17.29
N SER B 281 -21.17 10.86 -18.35
CA SER B 281 -21.37 11.95 -19.29
C SER B 281 -22.04 13.15 -18.63
N LEU B 282 -23.07 12.91 -17.80
CA LEU B 282 -23.73 14.00 -17.09
C LEU B 282 -22.74 14.78 -16.23
N PHE B 283 -21.91 14.06 -15.47
CA PHE B 283 -20.94 14.72 -14.60
C PHE B 283 -19.91 15.50 -15.41
N ALA B 284 -19.48 14.94 -16.55
CA ALA B 284 -18.52 15.61 -17.40
C ALA B 284 -19.06 16.94 -17.90
N ARG B 285 -20.31 16.95 -18.36
CA ARG B 285 -20.84 18.16 -18.96
C ARG B 285 -21.29 19.19 -17.92
N THR B 286 -21.62 18.77 -16.70
CA THR B 286 -21.96 19.72 -15.65
C THR B 286 -20.78 20.15 -14.78
N GLY B 287 -19.60 19.58 -15.00
CA GLY B 287 -18.49 19.88 -14.12
C GLY B 287 -18.62 19.29 -12.74
N THR B 288 -19.43 18.24 -12.56
CA THR B 288 -19.59 17.65 -11.24
C THR B 288 -18.35 16.82 -10.89
N GLY B 289 -17.88 16.95 -9.64
CA GLY B 289 -16.66 16.28 -9.20
C GLY B 289 -16.89 14.92 -8.52
N VAL B 290 -15.81 14.11 -8.47
CA VAL B 290 -15.79 12.78 -7.87
C VAL B 290 -14.61 12.66 -6.91
N ALA B 291 -14.85 12.15 -5.69
CA ALA B 291 -13.77 11.78 -4.78
C ALA B 291 -13.57 10.27 -4.88
N HIS B 292 -12.46 9.86 -5.50
CA HIS B 292 -12.14 8.43 -5.66
C HIS B 292 -11.46 7.92 -4.39
N CYS B 293 -11.99 6.83 -3.82
CA CYS B 293 -11.46 6.25 -2.58
C CYS B 293 -11.12 4.78 -2.80
N PRO B 294 -9.98 4.48 -3.42
CA PRO B 294 -9.71 3.10 -3.85
C PRO B 294 -9.55 2.10 -2.71
N CYS B 295 -8.81 2.44 -1.64
CA CYS B 295 -8.62 1.47 -0.56
C CYS B 295 -9.95 1.12 0.08
N SER B 296 -10.78 2.14 0.35
CA SER B 296 -12.12 1.90 0.90
C SER B 296 -12.95 1.01 -0.01
N ASN B 297 -12.93 1.30 -1.33
CA ASN B 297 -13.71 0.52 -2.28
C ASN B 297 -13.27 -0.95 -2.31
N MET B 298 -12.01 -1.22 -1.97
CA MET B 298 -11.47 -2.58 -1.90
C MET B 298 -11.78 -3.22 -0.55
N ARG B 299 -11.47 -2.51 0.53
CA ARG B 299 -11.64 -3.05 1.87
C ARG B 299 -13.09 -3.38 2.18
N LEU B 300 -14.05 -2.64 1.61
CA LEU B 300 -15.46 -2.93 1.78
C LEU B 300 -16.03 -3.76 0.63
N ALA B 301 -15.17 -4.16 -0.32
CA ALA B 301 -15.58 -4.95 -1.46
C ALA B 301 -16.66 -4.23 -2.27
N SER B 302 -16.49 -2.91 -2.42
CA SER B 302 -17.46 -2.12 -3.17
C SER B 302 -17.30 -2.33 -4.68
N GLY B 303 -16.07 -2.33 -5.17
CA GLY B 303 -15.83 -2.47 -6.60
C GLY B 303 -14.74 -1.55 -7.10
N ILE B 304 -14.46 -1.62 -8.40
CA ILE B 304 -13.47 -0.78 -9.05
C ILE B 304 -14.21 0.35 -9.74
N ALA B 305 -14.04 1.58 -9.27
CA ALA B 305 -14.70 2.71 -9.91
C ALA B 305 -14.11 2.94 -11.29
N PRO B 306 -14.92 3.35 -12.29
CA PRO B 306 -14.40 3.53 -13.65
C PRO B 306 -13.68 4.86 -13.81
N ILE B 307 -12.58 5.03 -13.08
CA ILE B 307 -11.92 6.32 -13.02
C ILE B 307 -11.36 6.72 -14.37
N ARG B 308 -10.71 5.79 -15.08
CA ARG B 308 -10.15 6.11 -16.39
C ARG B 308 -11.23 6.57 -17.37
N ALA B 309 -12.41 5.94 -17.32
CA ALA B 309 -13.49 6.39 -18.20
C ALA B 309 -13.94 7.80 -17.84
N MET B 310 -14.06 8.09 -16.54
CA MET B 310 -14.44 9.44 -16.14
C MET B 310 -13.41 10.46 -16.62
N LEU B 311 -12.13 10.16 -16.42
CA LEU B 311 -11.09 11.10 -16.84
C LEU B 311 -11.11 11.31 -18.35
N ASP B 312 -11.31 10.25 -19.13
CA ASP B 312 -11.32 10.39 -20.57
C ASP B 312 -12.48 11.25 -21.05
N GLU B 313 -13.58 11.31 -20.30
CA GLU B 313 -14.67 12.21 -20.66
C GLU B 313 -14.51 13.61 -20.09
N GLY B 314 -13.49 13.86 -19.29
CA GLY B 314 -13.33 15.17 -18.69
C GLY B 314 -13.99 15.37 -17.36
N VAL B 315 -14.31 14.29 -16.63
CA VAL B 315 -14.79 14.42 -15.27
C VAL B 315 -13.64 14.85 -14.36
N SER B 316 -13.94 15.74 -13.41
CA SER B 316 -12.97 16.14 -12.40
C SER B 316 -12.92 15.10 -11.29
N VAL B 317 -11.77 14.46 -11.10
CA VAL B 317 -11.60 13.40 -10.12
C VAL B 317 -10.53 13.82 -9.15
N GLY B 318 -10.86 13.82 -7.86
CA GLY B 318 -9.89 13.93 -6.80
C GLY B 318 -9.81 12.59 -6.06
N LEU B 319 -8.96 12.58 -5.03
CA LEU B 319 -8.64 11.37 -4.27
C LEU B 319 -9.02 11.56 -2.81
N GLY B 320 -9.44 10.47 -2.17
CA GLY B 320 -9.74 10.49 -0.75
C GLY B 320 -9.38 9.17 -0.10
N VAL B 321 -8.99 9.24 1.18
CA VAL B 321 -8.72 8.01 1.93
C VAL B 321 -10.00 7.41 2.52
N ASP B 322 -11.05 8.23 2.72
CA ASP B 322 -12.28 7.82 3.40
C ASP B 322 -12.02 7.64 4.89
N GLY B 323 -13.07 7.39 5.66
CA GLY B 323 -12.91 7.20 7.09
C GLY B 323 -12.02 6.02 7.42
N SER B 324 -11.33 6.13 8.55
CA SER B 324 -10.36 5.12 8.94
C SER B 324 -11.03 3.82 9.43
N ALA B 325 -12.35 3.75 9.53
CA ALA B 325 -12.98 2.45 9.75
C ALA B 325 -13.23 1.71 8.43
N SER B 326 -12.98 2.34 7.28
CA SER B 326 -13.07 1.63 6.01
C SER B 326 -11.88 2.03 5.13
N ASN B 327 -10.68 1.65 5.59
CA ASN B 327 -9.50 1.78 4.76
C ASN B 327 -8.45 0.75 5.16
N ASP B 328 -7.96 0.76 6.40
CA ASP B 328 -8.21 1.57 7.59
C ASP B 328 -7.06 2.54 7.81
N ALA B 329 -6.21 2.69 6.80
CA ALA B 329 -5.09 3.62 6.88
C ALA B 329 -5.54 5.02 6.51
N GLY B 330 -4.70 6.00 6.85
CA GLY B 330 -4.92 7.38 6.44
C GLY B 330 -3.69 7.93 5.74
N ASN B 331 -3.19 7.18 4.77
CA ASN B 331 -1.90 7.43 4.14
C ASN B 331 -2.14 7.93 2.72
N MET B 332 -1.92 9.23 2.50
CA MET B 332 -2.30 9.87 1.25
C MET B 332 -1.45 9.39 0.07
N ILE B 333 -0.13 9.32 0.25
CA ILE B 333 0.70 8.87 -0.88
C ILE B 333 0.45 7.39 -1.16
N ALA B 334 0.21 6.58 -0.13
CA ALA B 334 -0.18 5.20 -0.40
C ALA B 334 -1.52 5.15 -1.12
N GLU B 335 -2.45 6.06 -0.81
CA GLU B 335 -3.72 6.04 -1.53
C GLU B 335 -3.51 6.37 -3.00
N THR B 336 -2.55 7.24 -3.30
CA THR B 336 -2.24 7.58 -4.67
C THR B 336 -1.68 6.37 -5.42
N ARG B 337 -0.79 5.62 -4.77
CA ARG B 337 -0.31 4.36 -5.31
C ARG B 337 -1.47 3.41 -5.61
N GLN B 338 -2.39 3.27 -4.65
CA GLN B 338 -3.50 2.34 -4.85
C GLN B 338 -4.36 2.73 -6.05
N ALA B 339 -4.57 4.03 -6.27
CA ALA B 339 -5.37 4.45 -7.42
C ALA B 339 -4.75 3.98 -8.73
N MET B 340 -3.43 4.08 -8.83
CA MET B 340 -2.74 3.57 -10.00
C MET B 340 -2.87 2.04 -10.12
N LEU B 341 -2.59 1.31 -9.02
CA LEU B 341 -2.63 -0.15 -9.06
C LEU B 341 -4.03 -0.67 -9.39
N LEU B 342 -5.06 -0.09 -8.77
CA LEU B 342 -6.41 -0.61 -8.96
C LEU B 342 -6.94 -0.31 -10.35
N GLN B 343 -6.63 0.88 -10.91
CA GLN B 343 -7.09 1.16 -12.27
C GLN B 343 -6.42 0.22 -13.25
N ARG B 344 -5.15 -0.09 -13.02
CA ARG B 344 -4.44 -0.99 -13.94
C ARG B 344 -5.01 -2.39 -13.87
N VAL B 345 -5.27 -2.91 -12.66
CA VAL B 345 -5.78 -4.27 -12.60
C VAL B 345 -7.20 -4.32 -13.14
N GLY B 346 -7.93 -3.21 -13.06
CA GLY B 346 -9.29 -3.19 -13.55
C GLY B 346 -9.43 -2.95 -15.05
N PHE B 347 -8.55 -2.12 -15.62
CA PHE B 347 -8.78 -1.64 -16.98
C PHE B 347 -7.56 -1.72 -17.90
N GLY B 348 -6.44 -2.28 -17.42
CA GLY B 348 -5.33 -2.54 -18.30
C GLY B 348 -4.12 -1.68 -18.04
N PRO B 349 -3.03 -1.96 -18.74
CA PRO B 349 -1.74 -1.32 -18.41
C PRO B 349 -1.67 0.17 -18.72
N ASP B 350 -2.61 0.71 -19.49
CA ASP B 350 -2.61 2.11 -19.86
C ASP B 350 -3.62 2.93 -19.06
N ALA B 351 -4.27 2.32 -18.06
CA ALA B 351 -5.38 3.00 -17.40
C ALA B 351 -4.94 4.13 -16.46
N MET B 352 -3.68 4.11 -15.98
CA MET B 352 -3.23 5.08 -14.99
C MET B 352 -1.73 4.97 -14.74
N ASN B 353 -0.97 6.03 -15.01
CA ASN B 353 0.47 6.05 -14.71
C ASN B 353 0.73 6.93 -13.47
N ALA B 354 2.01 7.09 -13.12
CA ALA B 354 2.35 7.82 -11.90
C ALA B 354 1.93 9.28 -11.99
N ARG B 355 2.19 9.94 -13.11
CA ARG B 355 1.87 11.37 -13.19
C ARG B 355 0.35 11.59 -13.21
N GLN B 356 -0.41 10.69 -13.85
CA GLN B 356 -1.87 10.84 -13.84
C GLN B 356 -2.43 10.68 -12.43
N ALA B 357 -1.94 9.69 -11.68
CA ALA B 357 -2.40 9.48 -10.32
C ALA B 357 -2.02 10.65 -9.42
N LEU B 358 -0.77 11.11 -9.52
CA LEU B 358 -0.35 12.27 -8.74
C LEU B 358 -1.15 13.50 -9.13
N GLU B 359 -1.51 13.65 -10.40
CA GLU B 359 -2.34 14.78 -10.80
C GLU B 359 -3.69 14.74 -10.11
N ILE B 360 -4.29 13.55 -10.03
CA ILE B 360 -5.55 13.41 -9.31
C ILE B 360 -5.38 13.82 -7.87
N ALA B 361 -4.27 13.41 -7.25
CA ALA B 361 -4.00 13.66 -5.84
C ALA B 361 -3.68 15.13 -5.54
N THR B 362 -3.44 15.96 -6.56
CA THR B 362 -3.11 17.37 -6.34
C THR B 362 -4.10 18.27 -7.08
N ARG B 363 -3.89 18.49 -8.37
CA ARG B 363 -4.78 19.33 -9.16
C ARG B 363 -6.23 18.84 -9.10
N GLY B 364 -6.45 17.52 -9.19
CA GLY B 364 -7.79 16.99 -9.14
C GLY B 364 -8.49 17.33 -7.84
N GLY B 365 -7.78 17.24 -6.73
CA GLY B 365 -8.39 17.58 -5.45
C GLY B 365 -8.76 19.04 -5.36
N ALA B 366 -7.87 19.92 -5.84
CA ALA B 366 -8.19 21.35 -5.86
C ALA B 366 -9.47 21.59 -6.67
N LYS B 367 -9.59 20.90 -7.81
CA LYS B 367 -10.75 21.09 -8.68
C LYS B 367 -12.04 20.65 -7.99
N VAL B 368 -12.05 19.45 -7.39
CA VAL B 368 -13.31 19.00 -6.81
C VAL B 368 -13.69 19.79 -5.57
N LEU B 369 -12.72 20.40 -4.89
CA LEU B 369 -13.02 21.33 -3.81
C LEU B 369 -13.35 22.75 -4.31
N ASN B 370 -13.29 22.98 -5.62
CA ASN B 370 -13.63 24.27 -6.24
C ASN B 370 -12.68 25.40 -5.81
N ARG B 371 -11.39 25.12 -5.89
CA ARG B 371 -10.32 26.03 -5.47
C ARG B 371 -9.29 26.13 -6.59
N ASP B 372 -8.89 27.34 -6.94
CA ASP B 372 -7.85 27.53 -7.94
C ASP B 372 -6.55 28.03 -7.33
N ASP B 373 -6.41 28.03 -6.00
CA ASP B 373 -5.24 28.60 -5.34
C ASP B 373 -4.34 27.53 -4.70
N ILE B 374 -4.70 26.26 -4.82
CA ILE B 374 -3.87 25.15 -4.34
C ILE B 374 -3.75 24.14 -5.48
N GLY B 375 -2.93 23.12 -5.26
CA GLY B 375 -2.84 22.01 -6.20
C GLY B 375 -1.64 22.05 -7.12
N TYR B 376 -0.95 23.18 -7.24
CA TYR B 376 0.29 23.20 -8.00
C TYR B 376 1.15 24.39 -7.56
N LEU B 377 2.41 24.34 -7.98
CA LEU B 377 3.42 25.30 -7.49
C LEU B 377 3.73 26.30 -8.61
N ALA B 378 3.33 27.55 -8.40
CA ALA B 378 3.58 28.63 -9.34
C ALA B 378 3.42 29.93 -8.59
N THR B 379 3.94 31.01 -9.18
CA THR B 379 3.81 32.35 -8.61
C THR B 379 2.36 32.64 -8.25
N GLY B 380 2.14 33.12 -7.03
CA GLY B 380 0.82 33.50 -6.57
C GLY B 380 -0.01 32.39 -5.96
N MET B 381 0.41 31.13 -6.10
CA MET B 381 -0.27 29.98 -5.52
C MET B 381 0.00 29.89 -4.02
N ALA B 382 -0.87 29.18 -3.31
CA ALA B 382 -0.64 28.94 -1.89
C ALA B 382 0.66 28.16 -1.68
N ALA B 383 1.40 28.52 -0.64
CA ALA B 383 2.68 27.88 -0.35
C ALA B 383 2.42 26.59 0.42
N ASP B 384 1.95 25.58 -0.32
CA ASP B 384 1.61 24.24 0.18
C ASP B 384 2.45 23.21 -0.58
N PHE B 385 3.42 22.59 0.07
CA PHE B 385 4.23 21.57 -0.59
C PHE B 385 4.92 20.69 0.44
N VAL B 386 5.39 19.52 -0.03
CA VAL B 386 6.05 18.54 0.81
C VAL B 386 7.31 18.05 0.10
N ALA B 387 8.20 17.45 0.88
CA ALA B 387 9.47 16.93 0.37
C ALA B 387 9.73 15.55 0.94
N PHE B 388 10.07 14.61 0.06
CA PHE B 388 10.46 13.25 0.41
C PHE B 388 11.97 13.08 0.19
N ASP B 389 12.64 12.45 1.16
CA ASP B 389 14.04 12.07 1.02
C ASP B 389 14.15 10.94 0.01
N LEU B 390 14.92 11.16 -1.07
CA LEU B 390 15.14 10.18 -2.12
C LEU B 390 16.25 9.17 -1.80
N ASN B 391 17.03 9.40 -0.74
CA ASN B 391 18.14 8.53 -0.43
C ASN B 391 17.80 7.54 0.67
N THR B 392 16.55 7.16 0.79
CA THR B 392 16.12 6.15 1.74
C THR B 392 16.16 4.77 1.11
N LEU B 393 16.12 3.76 1.97
CA LEU B 393 16.06 2.38 1.51
C LEU B 393 14.83 2.15 0.67
N ASN B 394 13.70 2.71 1.08
CA ASN B 394 12.43 2.48 0.37
C ASN B 394 12.54 2.88 -1.09
N LEU B 395 13.38 3.87 -1.40
CA LEU B 395 13.49 4.38 -2.77
C LEU B 395 14.81 4.02 -3.42
N ALA B 396 15.62 3.15 -2.80
CA ALA B 396 16.90 2.78 -3.38
C ALA B 396 16.70 2.07 -4.72
N GLY B 397 17.39 2.56 -5.75
CA GLY B 397 17.25 2.04 -7.09
C GLY B 397 16.11 2.64 -7.90
N ALA B 398 15.43 3.65 -7.37
CA ALA B 398 14.28 4.29 -8.00
C ALA B 398 14.56 5.74 -8.36
N LYS B 399 15.81 6.18 -8.25
CA LYS B 399 16.10 7.56 -8.61
C LYS B 399 16.08 7.78 -10.12
N HIS B 400 15.88 6.74 -10.92
CA HIS B 400 15.66 6.92 -12.35
C HIS B 400 14.46 7.81 -12.66
N ASP B 401 13.51 7.90 -11.74
CA ASP B 401 12.38 8.81 -11.88
C ASP B 401 11.87 9.11 -10.47
N PRO B 402 12.39 10.16 -9.83
CA PRO B 402 11.97 10.46 -8.45
C PRO B 402 10.47 10.62 -8.29
N LEU B 403 9.78 11.19 -9.28
CA LEU B 403 8.32 11.36 -9.17
C LEU B 403 7.62 10.01 -9.17
N ALA B 404 7.86 9.19 -10.20
CA ALA B 404 7.24 7.87 -10.25
C ALA B 404 7.60 7.03 -9.02
N ALA B 405 8.79 7.26 -8.44
CA ALA B 405 9.21 6.50 -7.28
C ALA B 405 8.20 6.62 -6.14
N LEU B 406 7.58 7.80 -5.98
CA LEU B 406 6.62 8.00 -4.89
C LEU B 406 5.36 7.16 -5.07
N VAL B 407 5.01 6.82 -6.31
CA VAL B 407 3.77 6.13 -6.64
C VAL B 407 4.01 4.62 -6.80
N PHE B 408 5.17 4.25 -7.35
CA PHE B 408 5.46 2.84 -7.58
C PHE B 408 6.14 2.16 -6.40
N CYS B 409 6.82 2.90 -5.53
CA CYS B 409 7.45 2.35 -4.33
C CYS B 409 6.59 2.72 -3.11
N THR B 410 7.05 2.35 -1.91
CA THR B 410 6.32 2.67 -0.69
C THR B 410 7.22 3.55 0.18
N PRO B 411 7.18 4.87 -0.02
CA PRO B 411 8.03 5.75 0.80
C PRO B 411 7.54 5.82 2.23
N GLY B 412 8.43 6.26 3.10
CA GLY B 412 8.06 6.57 4.47
C GLY B 412 7.41 7.94 4.55
N ASN B 413 7.52 8.54 5.75
CA ASN B 413 6.95 9.85 5.99
C ASN B 413 7.69 10.93 5.19
N VAL B 414 7.01 12.06 4.97
CA VAL B 414 7.69 13.21 4.39
C VAL B 414 8.80 13.69 5.33
N ALA B 415 9.81 14.32 4.74
CA ALA B 415 10.87 14.98 5.50
C ALA B 415 10.47 16.40 5.90
N PHE B 416 9.83 17.13 4.99
CA PHE B 416 9.38 18.48 5.25
C PHE B 416 7.96 18.65 4.74
N SER B 417 7.20 19.49 5.40
CA SER B 417 5.91 19.91 4.88
C SER B 417 5.72 21.40 5.19
N VAL B 418 5.23 22.13 4.19
CA VAL B 418 4.91 23.55 4.31
C VAL B 418 3.42 23.72 3.98
N ILE B 419 2.67 24.32 4.91
CA ILE B 419 1.26 24.60 4.67
C ILE B 419 0.99 26.07 4.94
N ASN B 420 0.50 26.79 3.92
CA ASN B 420 0.22 28.21 4.04
C ASN B 420 1.46 29.00 4.45
N GLY B 421 2.64 28.54 3.99
CA GLY B 421 3.91 29.15 4.36
C GLY B 421 4.49 28.73 5.70
N GLN B 422 3.74 27.98 6.51
N GLN B 422 3.75 27.97 6.51
CA GLN B 422 4.23 27.50 7.81
CA GLN B 422 4.25 27.53 7.81
C GLN B 422 4.94 26.17 7.61
C GLN B 422 4.91 26.16 7.66
N VAL B 423 6.14 26.05 8.15
CA VAL B 423 6.88 24.78 8.09
C VAL B 423 6.29 23.88 9.18
N VAL B 424 5.35 23.01 8.80
CA VAL B 424 4.63 22.22 9.81
C VAL B 424 5.33 20.90 10.13
N ILE B 425 6.16 20.38 9.22
CA ILE B 425 6.96 19.18 9.47
C ILE B 425 8.41 19.50 9.14
N ARG B 426 9.32 19.12 10.04
CA ARG B 426 10.75 19.41 9.92
C ARG B 426 11.51 18.12 10.18
N GLU B 427 12.28 17.68 9.20
CA GLU B 427 13.07 16.46 9.31
C GLU B 427 12.25 15.33 9.92
N GLY B 428 11.05 15.15 9.38
CA GLY B 428 10.18 14.07 9.76
C GLY B 428 9.34 14.30 11.01
N VAL B 429 9.47 15.44 11.68
CA VAL B 429 8.85 15.68 12.98
C VAL B 429 7.74 16.71 12.84
N LEU B 430 6.52 16.33 13.24
CA LEU B 430 5.39 17.25 13.22
C LEU B 430 5.59 18.34 14.25
N GLN B 431 5.55 19.59 13.80
CA GLN B 431 5.92 20.72 14.65
C GLN B 431 4.75 21.36 15.36
N THR B 432 3.53 21.17 14.90
CA THR B 432 2.43 22.01 15.36
C THR B 432 1.69 21.43 16.55
N ILE B 433 1.90 20.16 16.87
CA ILE B 433 1.31 19.50 18.03
C ILE B 433 2.36 18.62 18.66
N ASP B 434 2.11 18.21 19.89
CA ASP B 434 2.91 17.19 20.57
C ASP B 434 2.32 15.84 20.17
N LEU B 435 2.83 15.27 19.08
CA LEU B 435 2.23 14.07 18.51
C LEU B 435 2.23 12.89 19.47
N PRO B 436 3.32 12.55 20.17
CA PRO B 436 3.24 11.41 21.09
C PRO B 436 2.14 11.58 22.12
N SER B 437 1.95 12.81 22.60
CA SER B 437 0.90 13.08 23.58
C SER B 437 -0.50 12.92 22.99
N VAL B 438 -0.70 13.40 21.77
CA VAL B 438 -2.00 13.28 21.12
C VAL B 438 -2.30 11.82 20.78
N VAL B 439 -1.30 11.09 20.30
CA VAL B 439 -1.53 9.67 20.02
C VAL B 439 -1.87 8.93 21.31
N GLN B 440 -1.16 9.26 22.39
CA GLN B 440 -1.47 8.66 23.69
C GLN B 440 -2.90 8.95 24.11
N GLN B 441 -3.32 10.23 24.04
CA GLN B 441 -4.71 10.57 24.38
C GLN B 441 -5.68 9.86 23.46
N HIS B 442 -5.34 9.81 22.16
CA HIS B 442 -6.23 9.20 21.18
C HIS B 442 -6.52 7.75 21.55
N ASN B 443 -5.49 7.00 21.90
CA ASN B 443 -5.69 5.59 22.23
C ASN B 443 -6.48 5.42 23.54
N ARG B 444 -6.32 6.33 24.50
N ARG B 444 -6.29 6.32 24.51
CA ARG B 444 -7.11 6.23 25.72
CA ARG B 444 -7.11 6.27 25.72
C ARG B 444 -8.58 6.50 25.44
C ARG B 444 -8.58 6.46 25.39
N LEU B 445 -8.87 7.51 24.61
CA LEU B 445 -10.25 7.80 24.25
C LEU B 445 -10.84 6.65 23.44
N ALA B 446 -10.06 6.07 22.52
CA ALA B 446 -10.54 4.94 21.72
C ALA B 446 -10.93 3.76 22.61
N CYS B 447 -10.13 3.47 23.63
CA CYS B 447 -10.46 2.41 24.58
C CYS B 447 -11.75 2.76 25.31
N LEU B 448 -11.85 4.01 25.76
CA LEU B 448 -13.05 4.48 26.43
C LEU B 448 -14.28 4.32 25.53
N LEU B 449 -14.15 4.72 24.26
CA LEU B 449 -15.30 4.70 23.36
C LEU B 449 -15.81 3.28 23.12
N VAL B 450 -14.91 2.32 22.95
CA VAL B 450 -15.33 0.95 22.65
C VAL B 450 -15.67 0.13 23.89
N ASN B 451 -14.98 0.37 25.01
CA ASN B 451 -15.25 -0.37 26.25
C ASN B 451 -16.02 0.49 27.26
#